data_3F0D
#
_entry.id   3F0D
#
_cell.length_a   157.887
_cell.length_b   69.042
_cell.length_c   116.581
_cell.angle_alpha   90.000
_cell.angle_beta   130.150
_cell.angle_gamma   90.000
#
_symmetry.space_group_name_H-M   'C 1 2 1'
#
loop_
_entity.id
_entity.type
_entity.pdbx_description
1 polymer '2-C-methyl-D-erythritol 2,4-cyclodiphosphate synthase'
2 non-polymer 'ZINC ION'
3 water water
#
_entity_poly.entity_id   1
_entity_poly.type   'polypeptide(L)'
_entity_poly.pdbx_seq_one_letter_code
;MAHHHHHHMGTLEAQTQGPGSMDFRIGQGYDVHQLVPGRPLIIGGVTIPYERGLLGHSDADVLLHAITDALFGAAALGDI
GRHFSDTDPRFKGADSRALLRECASRVAQAGFAIRNVDSTIIAQAPKLAPHIDAMRANIAADLDLPLDRVNVKAKTNEKL
GYLGRGEGIEAQAAALVVREAAA
;
_entity_poly.pdbx_strand_id   A,B,C,D,E,F
#
loop_
_chem_comp.id
_chem_comp.type
_chem_comp.name
_chem_comp.formula
ZN non-polymer 'ZINC ION' 'Zn 2'
#
# COMPACT_ATOMS: atom_id res chain seq x y z
N MET A 22 23.83 14.43 47.96
CA MET A 22 24.88 13.47 47.96
C MET A 22 25.25 12.80 46.64
N ASP A 23 26.17 11.88 46.71
CA ASP A 23 26.78 11.34 45.51
C ASP A 23 25.97 10.16 44.99
N PHE A 24 24.79 10.43 44.51
CA PHE A 24 23.94 9.39 43.94
C PHE A 24 24.44 8.94 42.54
N ARG A 25 24.14 7.68 42.19
CA ARG A 25 24.40 7.14 40.86
C ARG A 25 23.27 6.23 40.50
N ILE A 26 22.94 6.18 39.21
CA ILE A 26 21.95 5.24 38.69
C ILE A 26 22.55 4.20 37.79
N GLY A 27 21.90 3.04 37.77
CA GLY A 27 22.26 1.95 36.89
C GLY A 27 21.04 1.30 36.27
N GLN A 28 21.26 0.62 35.15
CA GLN A 28 20.21 -0.11 34.45
C GLN A 28 20.77 -1.48 34.01
N GLY A 29 19.88 -2.45 33.93
CA GLY A 29 20.23 -3.77 33.52
C GLY A 29 19.19 -4.40 32.64
N TYR A 30 19.65 -5.33 31.83
CA TYR A 30 18.81 -6.06 30.88
C TYR A 30 19.34 -7.48 30.88
N ASP A 31 18.45 -8.47 30.80
CA ASP A 31 18.88 -9.82 30.54
C ASP A 31 17.77 -10.57 29.81
N VAL A 32 18.13 -11.59 29.07
CA VAL A 32 17.19 -12.52 28.44
C VAL A 32 17.83 -13.87 28.38
N HIS A 33 17.01 -14.92 28.51
CA HIS A 33 17.45 -16.28 28.34
C HIS A 33 16.36 -17.04 27.59
N GLN A 34 16.79 -18.05 26.85
CA GLN A 34 15.85 -18.98 26.17
C GLN A 34 15.17 -19.87 27.17
N LEU A 35 13.93 -20.20 26.86
CA LEU A 35 13.18 -21.16 27.64
CA LEU A 35 13.21 -21.27 27.57
C LEU A 35 13.36 -22.57 26.89
N VAL A 36 13.68 -23.62 27.63
CA VAL A 36 13.91 -24.91 27.02
C VAL A 36 13.41 -25.99 27.96
N PRO A 37 13.05 -27.16 27.37
CA PRO A 37 12.68 -28.30 28.22
C PRO A 37 13.85 -28.78 29.07
N GLY A 38 13.56 -29.37 30.20
CA GLY A 38 14.61 -30.06 30.97
C GLY A 38 15.48 -29.20 31.87
N ARG A 39 15.08 -27.94 32.08
CA ARG A 39 15.76 -26.99 32.99
C ARG A 39 14.76 -26.52 34.06
N PRO A 40 15.22 -26.27 35.29
CA PRO A 40 14.43 -25.58 36.30
C PRO A 40 14.10 -24.16 35.89
N LEU A 41 12.88 -23.71 36.21
CA LEU A 41 12.51 -22.28 36.03
C LEU A 41 12.73 -21.54 37.33
N ILE A 42 13.80 -20.79 37.39
CA ILE A 42 14.15 -20.03 38.57
C ILE A 42 14.17 -18.55 38.23
N ILE A 43 13.29 -17.76 38.84
CA ILE A 43 13.20 -16.33 38.59
C ILE A 43 13.09 -15.62 39.91
N GLY A 44 13.96 -14.65 40.12
CA GLY A 44 13.97 -13.97 41.41
C GLY A 44 14.23 -14.89 42.60
N GLY A 45 14.99 -15.94 42.33
CA GLY A 45 15.27 -16.94 43.30
C GLY A 45 14.20 -17.96 43.56
N VAL A 46 13.04 -17.79 42.92
CA VAL A 46 11.91 -18.68 43.14
C VAL A 46 11.91 -19.79 42.10
N THR A 47 11.85 -21.04 42.59
CA THR A 47 11.68 -22.18 41.70
C THR A 47 10.22 -22.34 41.36
N ILE A 48 9.84 -22.03 40.13
CA ILE A 48 8.46 -21.98 39.75
C ILE A 48 8.14 -23.25 38.99
N PRO A 49 7.09 -23.98 39.38
CA PRO A 49 6.80 -25.19 38.62
C PRO A 49 6.39 -24.92 37.18
N TYR A 50 7.09 -25.59 36.26
CA TYR A 50 6.90 -25.33 34.83
C TYR A 50 7.63 -26.41 34.05
N GLU A 51 7.13 -26.78 32.86
CA GLU A 51 7.75 -27.82 32.06
C GLU A 51 8.96 -27.37 31.32
N ARG A 52 9.23 -26.08 31.30
CA ARG A 52 10.47 -25.58 30.72
C ARG A 52 11.19 -24.70 31.76
N GLY A 53 12.44 -24.42 31.50
CA GLY A 53 13.23 -23.48 32.33
C GLY A 53 14.19 -22.68 31.51
N LEU A 54 14.93 -21.78 32.15
CA LEU A 54 15.80 -20.93 31.43
C LEU A 54 17.18 -21.53 31.23
N LEU A 55 17.71 -21.36 30.01
CA LEU A 55 18.98 -21.91 29.64
C LEU A 55 20.09 -20.92 29.84
N GLY A 56 21.13 -21.34 30.55
CA GLY A 56 22.32 -20.55 30.68
C GLY A 56 23.38 -21.35 31.41
N HIS A 57 24.52 -20.72 31.60
CA HIS A 57 25.66 -21.32 32.27
C HIS A 57 25.35 -21.52 33.76
N SER A 58 24.84 -20.47 34.42
CA SER A 58 24.39 -20.53 35.80
C SER A 58 22.98 -21.13 35.82
N ASP A 59 22.27 -20.89 36.93
CA ASP A 59 20.84 -21.23 36.96
C ASP A 59 19.97 -20.34 36.06
N ALA A 60 20.55 -19.34 35.43
CA ALA A 60 19.90 -18.53 34.36
C ALA A 60 18.77 -17.70 34.87
N ASP A 61 18.85 -17.25 36.12
CA ASP A 61 17.85 -16.40 36.73
C ASP A 61 17.92 -15.01 36.12
N VAL A 62 17.09 -14.79 35.14
CA VAL A 62 17.17 -13.59 34.32
CA VAL A 62 17.11 -13.62 34.30
C VAL A 62 16.88 -12.34 35.13
N LEU A 63 15.99 -12.42 36.11
CA LEU A 63 15.67 -11.27 36.92
C LEU A 63 16.86 -10.86 37.80
N LEU A 64 17.44 -11.83 38.49
CA LEU A 64 18.58 -11.52 39.34
C LEU A 64 19.74 -10.98 38.52
N HIS A 65 19.94 -11.52 37.31
CA HIS A 65 21.01 -11.06 36.47
C HIS A 65 20.82 -9.60 36.04
N ALA A 66 19.60 -9.21 35.69
CA ALA A 66 19.33 -7.83 35.31
C ALA A 66 19.61 -6.88 36.47
N ILE A 67 19.19 -7.29 37.68
CA ILE A 67 19.42 -6.49 38.87
C ILE A 67 20.94 -6.37 39.19
N THR A 68 21.65 -7.48 39.05
CA THR A 68 23.08 -7.49 39.25
C THR A 68 23.77 -6.51 38.28
N ASP A 69 23.36 -6.52 37.02
CA ASP A 69 23.88 -5.61 36.06
C ASP A 69 23.59 -4.16 36.36
N ALA A 70 22.40 -3.86 36.83
CA ALA A 70 22.02 -2.51 37.24
C ALA A 70 22.91 -2.02 38.40
N LEU A 71 23.20 -2.90 39.35
CA LEU A 71 24.03 -2.54 40.49
C LEU A 71 25.50 -2.32 40.10
N PHE A 72 26.07 -3.23 39.29
CA PHE A 72 27.44 -3.02 38.83
C PHE A 72 27.50 -1.74 37.97
N GLY A 73 26.45 -1.50 37.21
CA GLY A 73 26.39 -0.31 36.37
C GLY A 73 26.38 0.98 37.15
N ALA A 74 25.58 1.05 38.22
CA ALA A 74 25.50 2.24 39.06
C ALA A 74 26.81 2.53 39.73
N ALA A 75 27.53 1.49 40.10
CA ALA A 75 28.83 1.62 40.76
C ALA A 75 29.99 1.78 39.76
N ALA A 76 29.73 1.73 38.45
CA ALA A 76 30.74 1.80 37.42
C ALA A 76 31.79 0.70 37.59
N LEU A 77 31.29 -0.51 37.84
CA LEU A 77 32.13 -1.71 38.06
C LEU A 77 32.06 -2.68 36.88
N GLY A 78 31.52 -2.27 35.75
CA GLY A 78 31.46 -3.14 34.58
C GLY A 78 30.15 -3.86 34.50
N ASP A 79 30.21 -5.18 34.34
CA ASP A 79 29.03 -5.95 34.09
C ASP A 79 29.17 -7.35 34.66
N ILE A 80 28.09 -8.07 34.62
CA ILE A 80 28.03 -9.36 35.25
C ILE A 80 29.02 -10.33 34.61
N GLY A 81 29.25 -10.22 33.30
CA GLY A 81 30.19 -11.09 32.59
C GLY A 81 31.63 -10.86 33.00
N ARG A 82 31.98 -9.64 33.38
CA ARG A 82 33.30 -9.33 33.85
C ARG A 82 33.53 -10.02 35.20
N HIS A 83 32.52 -9.95 36.08
CA HIS A 83 32.64 -10.42 37.45
C HIS A 83 32.45 -11.90 37.64
N PHE A 84 31.56 -12.49 36.84
CA PHE A 84 31.19 -13.90 36.92
C PHE A 84 31.16 -14.50 35.50
N SER A 85 32.33 -14.77 35.00
CA SER A 85 32.49 -15.25 33.62
C SER A 85 31.70 -16.52 33.29
N ASP A 86 31.00 -16.47 32.15
CA ASP A 86 30.13 -17.57 31.76
C ASP A 86 30.90 -18.68 31.11
N PHE A 91 30.97 -21.56 38.01
CA PHE A 91 29.64 -20.95 37.88
C PHE A 91 28.61 -21.80 37.15
N LYS A 92 29.00 -23.01 36.69
CA LYS A 92 28.08 -23.91 36.01
C LYS A 92 27.01 -24.25 37.06
N GLY A 93 25.77 -23.93 36.72
CA GLY A 93 24.71 -24.06 37.68
C GLY A 93 24.80 -23.14 38.91
N ALA A 94 25.59 -22.07 38.88
CA ALA A 94 25.65 -21.17 40.04
C ALA A 94 24.28 -20.68 40.47
N ASP A 95 24.11 -20.56 41.78
CA ASP A 95 22.95 -19.96 42.41
C ASP A 95 23.05 -18.46 42.20
N SER A 96 22.15 -17.91 41.41
CA SER A 96 22.24 -16.47 41.12
C SER A 96 21.94 -15.60 42.29
N ARG A 97 21.35 -16.12 43.37
CA ARG A 97 21.23 -15.35 44.63
C ARG A 97 22.59 -15.17 45.25
N ALA A 98 23.44 -16.21 45.17
CA ALA A 98 24.80 -16.07 45.67
C ALA A 98 25.56 -15.04 44.86
N LEU A 99 25.33 -15.00 43.54
CA LEU A 99 25.99 -14.02 42.67
C LEU A 99 25.52 -12.63 43.02
N LEU A 100 24.24 -12.47 43.26
CA LEU A 100 23.70 -11.16 43.64
C LEU A 100 24.29 -10.68 44.96
N ARG A 101 24.39 -11.58 45.94
CA ARG A 101 24.98 -11.23 47.21
C ARG A 101 26.44 -10.81 47.05
N GLU A 102 27.17 -11.48 46.19
CA GLU A 102 28.56 -11.13 45.96
C GLU A 102 28.69 -9.79 45.23
N CYS A 103 27.82 -9.55 44.24
CA CYS A 103 27.74 -8.27 43.57
C CYS A 103 27.52 -7.16 44.61
N ALA A 104 26.54 -7.34 45.50
CA ALA A 104 26.24 -6.34 46.52
C ALA A 104 27.46 -6.09 47.41
N SER A 105 28.22 -7.15 47.72
CA SER A 105 29.41 -7.03 48.55
C SER A 105 30.49 -6.21 47.83
N ARG A 106 30.65 -6.42 46.54
CA ARG A 106 31.62 -5.67 45.73
C ARG A 106 31.22 -4.20 45.58
N VAL A 107 29.93 -3.94 45.37
CA VAL A 107 29.39 -2.56 45.33
C VAL A 107 29.66 -1.82 46.64
N ALA A 108 29.46 -2.51 47.75
CA ALA A 108 29.74 -1.96 49.06
C ALA A 108 31.25 -1.71 49.24
N GLN A 109 32.07 -2.64 48.75
CA GLN A 109 33.53 -2.46 48.89
C GLN A 109 34.03 -1.30 48.04
N ALA A 110 33.31 -1.00 46.98
CA ALA A 110 33.60 0.14 46.15
C ALA A 110 33.21 1.44 46.77
N GLY A 111 32.40 1.40 47.82
CA GLY A 111 31.97 2.52 48.59
C GLY A 111 30.54 2.97 48.45
N PHE A 112 29.69 2.13 47.90
CA PHE A 112 28.33 2.52 47.62
C PHE A 112 27.32 1.79 48.52
N ALA A 113 26.24 2.48 48.83
CA ALA A 113 25.08 1.93 49.53
C ALA A 113 23.90 1.91 48.58
N ILE A 114 23.16 0.81 48.57
CA ILE A 114 22.01 0.67 47.69
C ILE A 114 20.81 1.38 48.27
N ARG A 115 20.12 2.23 47.51
CA ARG A 115 18.92 2.88 47.95
C ARG A 115 17.63 2.24 47.47
N ASN A 116 17.54 1.78 46.23
CA ASN A 116 16.36 1.09 45.78
C ASN A 116 16.64 0.34 44.50
N VAL A 117 15.80 -0.65 44.24
CA VAL A 117 15.79 -1.45 43.02
CA VAL A 117 15.81 -1.34 42.95
C VAL A 117 14.37 -1.53 42.46
N ASP A 118 14.20 -1.36 41.17
CA ASP A 118 12.94 -1.60 40.51
C ASP A 118 13.22 -2.51 39.34
N SER A 119 12.26 -3.32 38.93
CA SER A 119 12.47 -4.28 37.89
C SER A 119 11.18 -4.71 37.20
N THR A 120 11.32 -5.34 36.07
CA THR A 120 10.21 -5.89 35.29
C THR A 120 10.64 -7.22 34.70
N ILE A 121 9.74 -8.18 34.72
CA ILE A 121 9.89 -9.49 34.08
CA ILE A 121 9.92 -9.49 34.12
C ILE A 121 8.85 -9.62 33.01
N ILE A 122 9.25 -10.10 31.82
CA ILE A 122 8.33 -10.20 30.70
C ILE A 122 8.30 -11.65 30.24
N ALA A 123 7.12 -12.28 30.33
CA ALA A 123 6.97 -13.71 29.95
C ALA A 123 5.53 -13.97 29.49
N GLN A 124 5.40 -14.73 28.43
CA GLN A 124 4.10 -15.24 27.98
C GLN A 124 3.46 -16.20 29.00
N ALA A 125 4.30 -17.01 29.62
CA ALA A 125 3.91 -18.05 30.55
C ALA A 125 5.15 -18.47 31.32
N PRO A 126 4.98 -19.09 32.49
CA PRO A 126 3.74 -19.19 33.25
C PRO A 126 3.35 -17.87 33.87
N LYS A 127 2.25 -17.88 34.59
CA LYS A 127 1.80 -16.72 35.33
C LYS A 127 2.77 -16.43 36.47
N LEU A 128 3.20 -15.18 36.53
CA LEU A 128 4.24 -14.83 37.46
C LEU A 128 3.68 -14.04 38.63
N ALA A 129 2.50 -13.42 38.51
CA ALA A 129 1.94 -12.62 39.60
C ALA A 129 1.90 -13.35 40.94
N PRO A 130 1.60 -14.64 41.01
CA PRO A 130 1.59 -15.35 42.28
C PRO A 130 2.95 -15.47 42.97
N HIS A 131 4.01 -15.18 42.24
CA HIS A 131 5.38 -15.35 42.69
C HIS A 131 6.13 -14.07 42.98
N ILE A 132 5.56 -12.96 42.58
CA ILE A 132 6.22 -11.65 42.69
CA ILE A 132 6.24 -11.68 42.68
C ILE A 132 6.61 -11.32 44.12
N ASP A 133 5.72 -11.57 45.07
CA ASP A 133 6.02 -11.25 46.45
C ASP A 133 7.21 -12.05 46.99
N ALA A 134 7.30 -13.33 46.61
CA ALA A 134 8.42 -14.13 47.05
C ALA A 134 9.70 -13.64 46.40
N MET A 135 9.64 -13.23 45.14
CA MET A 135 10.82 -12.70 44.47
C MET A 135 11.31 -11.44 45.14
N ARG A 136 10.40 -10.53 45.48
CA ARG A 136 10.77 -9.30 46.16
C ARG A 136 11.43 -9.59 47.49
N ALA A 137 10.88 -10.51 48.24
CA ALA A 137 11.46 -10.90 49.52
C ALA A 137 12.88 -11.47 49.37
N ASN A 138 13.12 -12.25 48.30
CA ASN A 138 14.44 -12.81 48.09
C ASN A 138 15.43 -11.71 47.76
N ILE A 139 15.05 -10.80 46.88
CA ILE A 139 15.94 -9.70 46.46
C ILE A 139 16.26 -8.83 47.67
N ALA A 140 15.26 -8.45 48.46
CA ALA A 140 15.45 -7.64 49.62
C ALA A 140 16.39 -8.30 50.61
N ALA A 141 16.21 -9.59 50.86
CA ALA A 141 17.10 -10.28 51.77
C ALA A 141 18.53 -10.30 51.22
N ASP A 142 18.70 -10.56 49.94
CA ASP A 142 20.03 -10.61 49.37
C ASP A 142 20.78 -9.29 49.40
N LEU A 143 20.03 -8.22 49.24
CA LEU A 143 20.60 -6.87 49.21
C LEU A 143 20.58 -6.15 50.56
N ASP A 144 20.09 -6.83 51.61
CA ASP A 144 19.95 -6.26 52.94
C ASP A 144 19.16 -4.97 52.88
N LEU A 145 18.03 -5.01 52.20
CA LEU A 145 17.12 -3.90 52.07
C LEU A 145 15.76 -4.28 52.68
N PRO A 146 15.05 -3.28 53.21
CA PRO A 146 13.67 -3.52 53.50
C PRO A 146 12.85 -3.71 52.25
N LEU A 147 11.72 -4.35 52.40
CA LEU A 147 10.87 -4.68 51.28
C LEU A 147 10.42 -3.43 50.51
N ASP A 148 10.25 -2.31 51.22
CA ASP A 148 9.76 -1.10 50.61
C ASP A 148 10.77 -0.36 49.73
N ARG A 149 11.95 -0.93 49.60
CA ARG A 149 12.96 -0.43 48.63
C ARG A 149 13.18 -1.33 47.43
N VAL A 150 12.36 -2.37 47.29
CA VAL A 150 12.50 -3.36 46.22
C VAL A 150 11.15 -3.51 45.51
N ASN A 151 11.14 -3.46 44.20
CA ASN A 151 9.93 -3.65 43.42
C ASN A 151 10.20 -4.57 42.25
N VAL A 152 9.23 -5.46 41.95
CA VAL A 152 9.25 -6.36 40.84
C VAL A 152 7.87 -6.28 40.19
N LYS A 153 7.85 -6.08 38.88
CA LYS A 153 6.63 -5.96 38.10
C LYS A 153 6.60 -7.08 37.06
N ALA A 154 5.48 -7.73 36.90
CA ALA A 154 5.33 -8.75 35.91
C ALA A 154 4.47 -8.30 34.76
N LYS A 155 4.92 -8.62 33.54
CA LYS A 155 4.24 -8.22 32.28
C LYS A 155 4.21 -9.41 31.33
N THR A 156 3.29 -9.36 30.38
CA THR A 156 3.43 -10.10 29.16
C THR A 156 3.90 -9.11 28.07
N ASN A 157 4.24 -9.64 26.91
CA ASN A 157 4.60 -8.82 25.77
C ASN A 157 3.45 -8.74 24.76
N GLU A 158 2.24 -8.91 25.24
CA GLU A 158 1.01 -8.72 24.46
C GLU A 158 1.07 -9.46 23.09
N LYS A 159 1.61 -10.65 23.15
CA LYS A 159 1.63 -11.62 22.06
C LYS A 159 2.62 -11.27 20.98
N LEU A 160 3.46 -10.28 21.22
CA LEU A 160 4.40 -9.86 20.20
C LEU A 160 5.78 -10.48 20.29
N GLY A 161 6.34 -10.85 19.16
CA GLY A 161 7.73 -11.25 19.04
C GLY A 161 8.06 -12.61 19.64
N TYR A 162 9.34 -12.85 19.85
CA TYR A 162 9.80 -14.10 20.45
C TYR A 162 9.30 -14.27 21.87
N LEU A 163 9.12 -13.16 22.58
CA LEU A 163 8.55 -13.21 23.95
C LEU A 163 7.10 -13.70 23.89
N GLY A 164 6.32 -13.18 22.97
CA GLY A 164 4.93 -13.65 22.82
C GLY A 164 4.83 -15.08 22.33
N ARG A 165 5.84 -15.57 21.63
CA ARG A 165 5.87 -16.97 21.23
C ARG A 165 6.42 -17.90 22.29
N GLY A 166 6.83 -17.33 23.41
CA GLY A 166 7.31 -18.10 24.52
C GLY A 166 8.69 -18.67 24.31
N GLU A 167 9.52 -18.02 23.51
CA GLU A 167 10.84 -18.57 23.25
C GLU A 167 11.86 -18.25 24.34
N GLY A 168 11.59 -17.22 25.14
CA GLY A 168 12.49 -16.79 26.19
C GLY A 168 11.75 -15.88 27.12
N ILE A 169 12.46 -15.46 28.19
CA ILE A 169 11.96 -14.52 29.20
C ILE A 169 12.99 -13.42 29.35
N GLU A 170 12.51 -12.18 29.45
CA GLU A 170 13.34 -10.98 29.58
C GLU A 170 13.14 -10.38 30.95
N ALA A 171 14.18 -9.74 31.45
CA ALA A 171 14.06 -8.87 32.62
C ALA A 171 14.79 -7.55 32.38
N GLN A 172 14.26 -6.54 33.04
CA GLN A 172 14.83 -5.18 33.05
C GLN A 172 14.95 -4.73 34.49
N ALA A 173 15.93 -3.91 34.81
CA ALA A 173 16.12 -3.42 36.17
C ALA A 173 16.71 -2.02 36.18
N ALA A 174 16.42 -1.30 37.22
CA ALA A 174 17.00 -0.01 37.56
C ALA A 174 17.42 -0.03 39.01
N ALA A 175 18.55 0.61 39.30
CA ALA A 175 19.06 0.75 40.69
C ALA A 175 19.63 2.13 40.93
N LEU A 176 19.39 2.62 42.15
CA LEU A 176 19.93 3.84 42.71
C LEU A 176 20.80 3.49 43.90
N VAL A 177 22.00 4.01 43.85
CA VAL A 177 22.99 3.86 44.89
C VAL A 177 23.56 5.26 45.27
N VAL A 178 24.27 5.28 46.38
CA VAL A 178 24.89 6.52 46.83
C VAL A 178 26.28 6.16 47.34
N ARG A 179 27.28 6.96 46.93
CA ARG A 179 28.68 6.75 47.33
C ARG A 179 28.80 7.42 48.64
N GLU A 180 28.96 6.62 49.67
CA GLU A 180 29.02 7.09 51.01
C GLU A 180 30.29 7.85 51.32
N MET B 22 20.13 19.71 45.29
CA MET B 22 19.43 18.39 45.39
C MET B 22 18.37 18.26 44.29
N ASP B 23 18.46 19.09 43.24
CA ASP B 23 17.50 19.02 42.09
C ASP B 23 18.02 18.02 41.03
N PHE B 24 17.97 16.76 41.40
CA PHE B 24 18.38 15.68 40.54
C PHE B 24 17.30 15.34 39.50
N ARG B 25 17.73 14.83 38.35
CA ARG B 25 16.83 14.38 37.30
C ARG B 25 17.42 13.14 36.63
N ILE B 26 16.54 12.23 36.21
CA ILE B 26 17.01 11.08 35.49
C ILE B 26 16.53 11.06 34.06
N GLY B 27 17.30 10.41 33.20
CA GLY B 27 16.92 10.22 31.83
C GLY B 27 17.23 8.84 31.35
N GLN B 28 16.57 8.43 30.28
CA GLN B 28 16.79 7.13 29.72
C GLN B 28 16.84 7.26 28.20
N GLY B 29 17.58 6.38 27.54
CA GLY B 29 17.73 6.41 26.11
C GLY B 29 17.76 5.02 25.48
N TYR B 30 17.36 4.97 24.23
CA TYR B 30 17.29 3.76 23.46
C TYR B 30 17.72 4.06 22.05
N ASP B 31 18.47 3.16 21.40
CA ASP B 31 18.69 3.26 19.96
C ASP B 31 18.91 1.88 19.39
N VAL B 32 18.62 1.71 18.10
CA VAL B 32 18.89 0.50 17.37
C VAL B 32 19.24 0.91 15.96
N HIS B 33 20.10 0.13 15.34
CA HIS B 33 20.37 0.29 13.93
C HIS B 33 20.56 -1.09 13.29
N GLN B 34 20.31 -1.13 11.99
CA GLN B 34 20.51 -2.28 11.17
C GLN B 34 21.99 -2.50 10.89
N LEU B 35 22.38 -3.77 10.87
CA LEU B 35 23.74 -4.17 10.52
CA LEU B 35 23.74 -4.16 10.50
C LEU B 35 23.80 -4.47 8.99
N VAL B 36 24.76 -3.87 8.29
CA VAL B 36 24.95 -4.04 6.84
C VAL B 36 26.37 -4.57 6.72
N LEU B 41 31.86 -0.63 11.56
CA LEU B 41 31.28 -0.74 12.90
C LEU B 41 31.88 0.25 13.89
N ILE B 42 31.09 1.26 14.29
CA ILE B 42 31.52 2.22 15.25
C ILE B 42 30.52 2.20 16.41
N ILE B 43 31.04 1.87 17.60
CA ILE B 43 30.25 1.84 18.81
C ILE B 43 31.03 2.51 19.88
N GLY B 44 30.42 3.44 20.59
CA GLY B 44 31.11 4.21 21.62
C GLY B 44 32.33 4.93 21.11
N GLY B 45 32.28 5.27 19.82
CA GLY B 45 33.36 5.97 19.15
C GLY B 45 34.52 5.09 18.75
N VAL B 46 34.42 3.79 18.94
CA VAL B 46 35.52 2.89 18.77
C VAL B 46 35.21 2.19 17.50
N THR B 47 36.19 2.22 16.60
CA THR B 47 36.04 1.50 15.36
C THR B 47 36.50 0.06 15.60
N ILE B 48 35.61 -0.89 15.36
CA ILE B 48 35.81 -2.26 15.81
C ILE B 48 35.88 -3.10 14.56
N GLY B 53 28.81 -3.28 9.54
CA GLY B 53 28.66 -2.03 10.28
C GLY B 53 27.26 -1.46 10.33
N LEU B 54 27.06 -0.46 11.20
CA LEU B 54 25.73 0.12 11.41
C LEU B 54 25.41 1.21 10.38
N LEU B 55 24.14 1.23 9.97
CA LEU B 55 23.60 2.19 8.98
C LEU B 55 22.72 3.27 9.60
N SER B 58 23.84 9.97 10.08
CA SER B 58 24.79 9.86 11.18
C SER B 58 25.84 8.76 10.89
N ASP B 59 26.86 8.67 11.74
CA ASP B 59 27.68 7.45 11.77
C ASP B 59 26.98 6.22 12.45
N ALA B 60 25.74 6.37 12.92
CA ALA B 60 24.92 5.25 13.41
C ALA B 60 25.45 4.64 14.70
N ASP B 61 26.17 5.42 15.49
CA ASP B 61 26.73 4.87 16.73
C ASP B 61 25.62 4.74 17.78
N VAL B 62 25.06 3.56 17.89
CA VAL B 62 23.89 3.33 18.73
C VAL B 62 24.16 3.66 20.20
N LEU B 63 25.35 3.36 20.70
CA LEU B 63 25.65 3.65 22.10
C LEU B 63 25.66 5.15 22.38
N LEU B 64 26.32 5.90 21.52
CA LEU B 64 26.39 7.34 21.73
C LEU B 64 25.05 7.99 21.53
N HIS B 65 24.26 7.51 20.60
CA HIS B 65 22.91 8.02 20.47
C HIS B 65 22.03 7.74 21.67
N ALA B 66 22.12 6.56 22.25
CA ALA B 66 21.31 6.25 23.42
C ALA B 66 21.69 7.14 24.58
N ILE B 67 22.99 7.36 24.79
CA ILE B 67 23.47 8.22 25.85
C ILE B 67 23.02 9.67 25.65
N THR B 68 23.12 10.15 24.42
CA THR B 68 22.67 11.48 24.06
C THR B 68 21.17 11.66 24.38
N ASP B 69 20.36 10.68 24.04
CA ASP B 69 18.92 10.70 24.35
C ASP B 69 18.66 10.67 25.84
N ALA B 70 19.44 9.92 26.60
CA ALA B 70 19.29 9.92 28.06
C ALA B 70 19.60 11.29 28.69
N LEU B 71 20.62 11.94 28.18
CA LEU B 71 21.01 13.25 28.67
C LEU B 71 19.96 14.34 28.31
N PHE B 72 19.50 14.34 27.04
CA PHE B 72 18.41 15.30 26.69
C PHE B 72 17.17 15.01 27.51
N GLY B 73 16.90 13.74 27.78
CA GLY B 73 15.73 13.37 28.55
C GLY B 73 15.81 13.83 29.99
N ALA B 74 16.97 13.72 30.60
CA ALA B 74 17.18 14.17 31.99
C ALA B 74 17.03 15.69 32.10
N ALA B 75 17.47 16.42 31.10
CA ALA B 75 17.36 17.88 31.07
C ALA B 75 16.00 18.37 30.53
N ALA B 76 15.13 17.45 30.17
CA ALA B 76 13.83 17.73 29.56
C ALA B 76 13.99 18.62 28.33
N LEU B 77 14.95 18.29 27.49
CA LEU B 77 15.27 19.07 26.28
C LEU B 77 14.75 18.39 24.99
N GLY B 78 13.96 17.36 25.11
CA GLY B 78 13.39 16.69 23.95
C GLY B 78 14.21 15.46 23.60
N ASP B 79 14.72 15.42 22.37
CA ASP B 79 15.32 14.21 21.87
C ASP B 79 16.33 14.50 20.78
N ILE B 80 17.10 13.46 20.45
CA ILE B 80 18.22 13.59 19.55
CA ILE B 80 18.23 13.61 19.55
C ILE B 80 17.72 13.95 18.15
N GLY B 81 16.58 13.42 17.77
CA GLY B 81 16.04 13.66 16.43
C GLY B 81 15.60 15.09 16.23
N ARG B 82 15.21 15.76 17.31
CA ARG B 82 14.89 17.18 17.23
C ARG B 82 16.12 18.07 17.22
N HIS B 83 17.11 17.77 18.04
CA HIS B 83 18.33 18.57 18.10
C HIS B 83 19.21 18.43 16.89
N PHE B 84 19.39 17.21 16.40
CA PHE B 84 20.32 16.93 15.32
C PHE B 84 19.59 16.21 14.20
N SER B 85 18.85 16.96 13.41
CA SER B 85 18.05 16.37 12.39
C SER B 85 18.85 15.96 11.19
N ASP B 86 18.39 14.92 10.55
CA ASP B 86 19.10 14.33 9.44
C ASP B 86 19.49 15.41 8.47
N PHE B 91 24.91 20.07 10.90
CA PHE B 91 25.33 18.77 11.44
C PHE B 91 25.57 17.74 10.36
N LYS B 92 25.39 18.14 9.13
CA LYS B 92 25.73 17.26 8.03
C LYS B 92 27.20 16.85 8.14
N GLY B 93 27.46 15.58 8.14
CA GLY B 93 28.83 15.13 8.29
C GLY B 93 29.35 14.99 9.71
N ALA B 94 28.62 15.49 10.69
CA ALA B 94 29.01 15.36 12.10
C ALA B 94 28.93 13.91 12.55
N ASP B 95 30.02 13.43 13.17
CA ASP B 95 30.09 12.13 13.85
C ASP B 95 29.45 12.17 15.23
N SER B 96 29.16 11.00 15.75
CA SER B 96 28.34 10.94 16.95
C SER B 96 29.04 11.42 18.21
N ARG B 97 30.37 11.41 18.25
CA ARG B 97 31.09 12.02 19.34
C ARG B 97 30.89 13.52 19.34
N ALA B 98 30.92 14.13 18.16
CA ALA B 98 30.63 15.56 18.05
C ALA B 98 29.21 15.89 18.54
N LEU B 99 28.24 15.05 18.16
CA LEU B 99 26.88 15.24 18.64
C LEU B 99 26.77 15.09 20.15
N LEU B 100 27.46 14.10 20.72
CA LEU B 100 27.45 13.92 22.15
C LEU B 100 28.07 15.12 22.85
N ARG B 101 29.17 15.69 22.33
CA ARG B 101 29.78 16.85 22.93
C ARG B 101 28.82 18.06 22.87
N GLU B 102 28.11 18.20 21.76
CA GLU B 102 27.13 19.31 21.61
C GLU B 102 25.94 19.12 22.54
N CYS B 103 25.45 17.89 22.68
CA CYS B 103 24.45 17.61 23.69
C CYS B 103 24.90 18.02 25.08
N ALA B 104 26.11 17.61 25.44
CA ALA B 104 26.65 17.93 26.77
C ALA B 104 26.72 19.45 26.97
N SER B 105 27.10 20.18 25.92
CA SER B 105 27.13 21.67 25.99
C SER B 105 25.73 22.27 26.27
N ARG B 106 24.71 21.72 25.61
CA ARG B 106 23.34 22.21 25.76
C ARG B 106 22.79 21.89 27.15
N VAL B 107 23.12 20.67 27.63
CA VAL B 107 22.74 20.30 29.00
C VAL B 107 23.36 21.24 30.02
N ALA B 108 24.63 21.58 29.83
CA ALA B 108 25.33 22.53 30.69
C ALA B 108 24.70 23.93 30.62
N GLN B 109 24.36 24.39 29.42
CA GLN B 109 23.77 25.73 29.27
C GLN B 109 22.35 25.82 29.84
N ALA B 110 21.70 24.68 29.99
CA ALA B 110 20.42 24.57 30.65
C ALA B 110 20.54 24.55 32.16
N GLY B 111 21.77 24.48 32.68
CA GLY B 111 22.05 24.56 34.10
C GLY B 111 22.22 23.23 34.80
N PHE B 112 22.49 22.16 34.07
CA PHE B 112 22.65 20.84 34.67
C PHE B 112 24.09 20.38 34.62
N ALA B 113 24.50 19.66 35.64
CA ALA B 113 25.77 18.95 35.69
C ALA B 113 25.46 17.46 35.60
N ILE B 114 26.28 16.72 34.85
CA ILE B 114 26.12 15.28 34.76
C ILE B 114 26.78 14.59 35.91
N ARG B 115 26.07 13.67 36.57
CA ARG B 115 26.60 12.89 37.68
C ARG B 115 27.06 11.50 37.26
N ASN B 116 26.32 10.76 36.44
CA ASN B 116 26.79 9.50 35.93
C ASN B 116 25.97 9.07 34.75
N VAL B 117 26.61 8.18 33.98
CA VAL B 117 25.92 7.45 32.91
CA VAL B 117 26.02 7.47 32.86
C VAL B 117 26.23 5.97 33.04
N ASP B 118 25.18 5.18 32.76
CA ASP B 118 25.30 3.74 32.63
C ASP B 118 24.64 3.32 31.32
N SER B 119 25.10 2.23 30.74
CA SER B 119 24.61 1.82 29.42
C SER B 119 24.83 0.35 29.20
N THR B 120 24.08 -0.19 28.25
CA THR B 120 24.21 -1.59 27.78
C THR B 120 24.12 -1.62 26.25
N ILE B 121 25.03 -2.33 25.64
CA ILE B 121 24.97 -2.66 24.22
C ILE B 121 24.53 -4.13 24.08
N ILE B 122 23.54 -4.42 23.21
CA ILE B 122 23.09 -5.77 22.91
C ILE B 122 23.47 -6.09 21.46
N ALA B 123 24.41 -7.00 21.29
CA ALA B 123 24.92 -7.43 19.99
C ALA B 123 25.28 -8.87 20.12
N GLN B 124 24.84 -9.65 19.16
CA GLN B 124 25.15 -11.09 19.15
C GLN B 124 26.64 -11.30 18.80
N ALA B 125 27.21 -10.42 17.96
CA ALA B 125 28.64 -10.40 17.58
C ALA B 125 28.97 -9.00 17.04
N PRO B 126 30.25 -8.60 17.06
CA PRO B 126 31.42 -9.24 17.62
C PRO B 126 31.45 -9.17 19.14
N LYS B 127 32.46 -9.75 19.73
CA LYS B 127 32.73 -9.59 21.14
C LYS B 127 33.10 -8.14 21.45
N LEU B 128 32.43 -7.54 22.40
CA LEU B 128 32.63 -6.13 22.77
C LEU B 128 33.51 -5.93 24.01
N ALA B 129 33.66 -6.96 24.86
CA ALA B 129 34.41 -6.82 26.13
C ALA B 129 35.79 -6.18 25.95
N PRO B 130 36.55 -6.56 24.88
CA PRO B 130 37.87 -5.93 24.71
C PRO B 130 37.84 -4.42 24.41
N HIS B 131 36.66 -3.90 24.05
CA HIS B 131 36.51 -2.51 23.63
C HIS B 131 35.84 -1.65 24.66
N ILE B 132 35.44 -2.25 25.78
CA ILE B 132 34.63 -1.51 26.77
C ILE B 132 35.41 -0.34 27.34
N ASP B 133 36.66 -0.56 27.74
CA ASP B 133 37.44 0.56 28.31
C ASP B 133 37.66 1.71 27.34
N ALA B 134 37.88 1.39 26.08
CA ALA B 134 38.03 2.43 25.08
C ALA B 134 36.73 3.22 24.93
N MET B 135 35.60 2.54 24.91
CA MET B 135 34.30 3.23 24.84
C MET B 135 34.07 4.13 26.03
N ARG B 136 34.34 3.62 27.22
CA ARG B 136 34.17 4.39 28.44
C ARG B 136 35.03 5.63 28.39
N ALA B 137 36.30 5.48 27.98
CA ALA B 137 37.18 6.64 27.89
C ALA B 137 36.73 7.69 26.88
N ASN B 138 36.18 7.24 25.76
CA ASN B 138 35.66 8.20 24.79
C ASN B 138 34.47 8.96 25.33
N ILE B 139 33.56 8.23 25.97
CA ILE B 139 32.37 8.89 26.52
C ILE B 139 32.77 9.88 27.62
N ALA B 140 33.65 9.44 28.53
CA ALA B 140 34.08 10.27 29.63
C ALA B 140 34.72 11.57 29.09
N ALA B 141 35.54 11.43 28.06
CA ALA B 141 36.19 12.60 27.45
C ALA B 141 35.14 13.55 26.90
N ASP B 142 34.19 13.03 26.15
CA ASP B 142 33.16 13.87 25.54
C ASP B 142 32.23 14.55 26.55
N LEU B 143 31.97 13.90 27.70
CA LEU B 143 31.14 14.45 28.73
C LEU B 143 31.92 15.19 29.81
N ASP B 144 33.24 15.20 29.69
CA ASP B 144 34.13 15.76 30.71
C ASP B 144 33.85 15.22 32.10
N LEU B 145 33.80 13.90 32.19
CA LEU B 145 33.54 13.20 33.43
C LEU B 145 34.75 12.35 33.78
N PRO B 146 34.99 12.14 35.07
CA PRO B 146 35.95 11.10 35.41
C PRO B 146 35.46 9.73 34.97
N LEU B 147 36.40 8.87 34.64
CA LEU B 147 36.10 7.53 34.16
CA LEU B 147 36.12 7.57 34.15
C LEU B 147 35.15 6.79 35.10
N ASP B 148 35.29 7.02 36.39
CA ASP B 148 34.48 6.30 37.39
C ASP B 148 33.00 6.70 37.48
N ARG B 149 32.60 7.63 36.63
CA ARG B 149 31.22 8.06 36.51
C ARG B 149 30.58 7.58 35.21
N VAL B 150 31.28 6.75 34.43
CA VAL B 150 30.80 6.25 33.17
C VAL B 150 30.90 4.72 33.10
N ASN B 151 29.83 4.04 32.72
CA ASN B 151 29.83 2.61 32.64
C ASN B 151 29.20 2.14 31.33
N VAL B 152 29.83 1.12 30.74
CA VAL B 152 29.29 0.49 29.55
C VAL B 152 29.30 -0.99 29.78
N LYS B 153 28.21 -1.64 29.44
CA LYS B 153 28.06 -3.06 29.62
C LYS B 153 27.70 -3.65 28.27
N ALA B 154 28.07 -4.88 28.07
CA ALA B 154 27.73 -5.61 26.83
C ALA B 154 27.05 -6.96 27.08
N LYS B 155 26.06 -7.25 26.22
CA LYS B 155 25.19 -8.44 26.32
C LYS B 155 25.01 -9.01 24.91
N THR B 156 24.79 -10.31 24.82
CA THR B 156 24.21 -10.92 23.60
C THR B 156 22.68 -11.01 23.88
N ASN B 157 21.93 -11.39 22.87
CA ASN B 157 20.51 -11.61 23.00
C ASN B 157 20.16 -13.11 23.01
N GLU B 158 21.14 -13.96 23.31
CA GLU B 158 20.93 -15.41 23.41
C GLU B 158 20.24 -15.98 22.17
N LYS B 159 20.62 -15.45 21.02
CA LYS B 159 20.14 -15.97 19.73
C LYS B 159 18.66 -15.75 19.49
N LEU B 160 18.04 -14.84 20.24
CA LEU B 160 16.62 -14.56 20.07
C LEU B 160 16.41 -13.27 19.28
N GLY B 161 15.50 -13.30 18.34
CA GLY B 161 15.04 -12.11 17.62
C GLY B 161 16.03 -11.61 16.60
N TYR B 162 15.75 -10.44 16.04
CA TYR B 162 16.66 -9.82 15.09
C TYR B 162 18.02 -9.53 15.74
N LEU B 163 18.06 -9.18 17.03
CA LEU B 163 19.34 -9.00 17.66
C LEU B 163 20.09 -10.31 17.71
N GLY B 164 19.40 -11.38 18.08
CA GLY B 164 20.03 -12.70 18.18
C GLY B 164 20.50 -13.28 16.89
N ARG B 165 19.94 -12.82 15.77
CA ARG B 165 20.34 -13.31 14.44
C ARG B 165 21.34 -12.36 13.80
N GLY B 166 21.80 -11.33 14.50
CA GLY B 166 22.84 -10.50 13.96
C GLY B 166 22.36 -9.48 12.95
N GLU B 167 21.07 -9.13 12.99
CA GLU B 167 20.48 -8.20 12.04
C GLU B 167 20.54 -6.75 12.48
N GLY B 168 20.71 -6.51 13.79
CA GLY B 168 20.82 -5.15 14.32
C GLY B 168 21.57 -5.20 15.64
N ILE B 169 21.89 -4.01 16.14
CA ILE B 169 22.51 -3.78 17.45
C ILE B 169 21.72 -2.70 18.17
N GLU B 170 21.47 -2.94 19.44
CA GLU B 170 20.70 -2.04 20.28
C GLU B 170 21.59 -1.49 21.40
N ALA B 171 21.26 -0.31 21.86
CA ALA B 171 21.86 0.26 23.06
C ALA B 171 20.78 0.90 23.92
N GLN B 172 21.02 0.80 25.22
CA GLN B 172 20.19 1.42 26.23
C GLN B 172 21.09 2.27 27.12
N ALA B 173 20.57 3.35 27.64
CA ALA B 173 21.38 4.19 28.55
C ALA B 173 20.49 4.81 29.62
N ALA B 174 21.11 5.16 30.73
CA ALA B 174 20.52 5.90 31.84
C ALA B 174 21.50 6.99 32.24
N ALA B 175 20.98 8.16 32.56
CA ALA B 175 21.81 9.27 33.01
C ALA B 175 21.18 9.94 34.21
N LEU B 176 22.01 10.37 35.14
CA LEU B 176 21.61 11.18 36.26
C LEU B 176 22.32 12.54 36.16
N VAL B 177 21.54 13.60 36.29
CA VAL B 177 22.03 14.94 36.25
C VAL B 177 21.50 15.72 37.45
N VAL B 178 22.07 16.88 37.75
CA VAL B 178 21.62 17.72 38.85
C VAL B 178 21.71 19.18 38.42
N ARG B 179 20.68 19.94 38.80
CA ARG B 179 20.70 21.39 38.68
C ARG B 179 21.13 22.02 40.00
N MET C 22 18.96 12.79 50.83
CA MET C 22 17.56 12.84 50.48
C MET C 22 17.12 11.44 50.11
N ASP C 23 15.89 11.09 50.40
CA ASP C 23 15.44 9.70 50.12
C ASP C 23 14.85 9.59 48.73
N PHE C 24 15.76 9.67 47.78
CA PHE C 24 15.41 9.48 46.37
C PHE C 24 15.20 7.99 46.00
N ARG C 25 14.31 7.76 45.04
CA ARG C 25 14.07 6.46 44.48
C ARG C 25 13.88 6.57 42.96
N ILE C 26 14.30 5.55 42.23
CA ILE C 26 14.05 5.50 40.80
C ILE C 26 13.13 4.33 40.41
N GLY C 27 12.43 4.53 39.32
CA GLY C 27 11.57 3.52 38.77
C GLY C 27 11.69 3.45 37.25
N GLN C 28 11.35 2.30 36.67
CA GLN C 28 11.42 2.12 35.25
C GLN C 28 10.14 1.39 34.82
N GLY C 29 9.65 1.71 33.65
CA GLY C 29 8.45 1.09 33.10
C GLY C 29 8.61 0.73 31.66
N TYR C 30 7.85 -0.27 31.24
CA TYR C 30 7.80 -0.82 29.90
C TYR C 30 6.38 -1.15 29.56
N ASP C 31 5.95 -0.84 28.36
CA ASP C 31 4.68 -1.35 27.88
C ASP C 31 4.73 -1.52 26.38
N VAL C 32 3.93 -2.46 25.86
CA VAL C 32 3.78 -2.64 24.44
C VAL C 32 2.37 -3.15 24.15
N HIS C 33 1.79 -2.73 23.06
CA HIS C 33 0.51 -3.22 22.55
C HIS C 33 0.54 -3.39 21.06
N GLN C 34 -0.31 -4.30 20.60
CA GLN C 34 -0.49 -4.51 19.17
C GLN C 34 -1.31 -3.37 18.57
N LEU C 35 -0.97 -3.05 17.32
CA LEU C 35 -1.75 -2.13 16.50
C LEU C 35 -2.72 -2.93 15.64
N VAL C 36 -3.99 -2.62 15.75
CA VAL C 36 -5.04 -3.39 15.08
C VAL C 36 -6.09 -2.48 14.48
N PRO C 37 -6.83 -2.98 13.48
CA PRO C 37 -7.90 -2.14 12.93
C PRO C 37 -9.09 -2.11 13.90
N GLY C 38 -9.96 -1.10 13.89
CA GLY C 38 -9.70 0.28 13.57
C GLY C 38 -10.09 0.94 14.89
N ARG C 39 -9.38 0.53 15.95
CA ARG C 39 -9.41 1.19 17.25
C ARG C 39 -8.77 2.56 17.11
N PRO C 40 -9.11 3.51 18.00
CA PRO C 40 -8.47 4.81 18.02
C PRO C 40 -7.02 4.68 18.51
N LEU C 41 -6.10 5.44 17.92
CA LEU C 41 -4.70 5.45 18.39
C LEU C 41 -4.56 6.58 19.39
N ILE C 42 -4.39 6.21 20.65
CA ILE C 42 -4.28 7.16 21.72
C ILE C 42 -2.95 6.93 22.42
N ILE C 43 -2.09 7.94 22.40
CA ILE C 43 -0.77 7.83 23.05
C ILE C 43 -0.55 9.11 23.82
N GLY C 44 -0.18 9.01 25.09
CA GLY C 44 0.00 10.18 25.93
C GLY C 44 -1.24 11.04 26.01
N GLY C 45 -2.39 10.36 25.90
CA GLY C 45 -3.69 11.03 25.93
C GLY C 45 -4.12 11.69 24.64
N VAL C 46 -3.28 11.65 23.62
CA VAL C 46 -3.53 12.33 22.35
C VAL C 46 -4.07 11.34 21.36
N THR C 47 -5.23 11.66 20.78
CA THR C 47 -5.78 10.85 19.70
C THR C 47 -5.06 11.27 18.44
N ILE C 48 -4.37 10.32 17.82
CA ILE C 48 -3.59 10.55 16.64
C ILE C 48 -4.27 9.88 15.45
N PRO C 49 -4.49 10.65 14.35
CA PRO C 49 -5.12 10.09 13.16
C PRO C 49 -4.26 8.96 12.61
N TYR C 50 -4.88 7.81 12.43
CA TYR C 50 -4.21 6.61 11.95
C TYR C 50 -5.25 5.53 11.65
N GLU C 51 -4.94 4.65 10.70
CA GLU C 51 -5.84 3.59 10.25
C GLU C 51 -5.97 2.41 11.24
N ARG C 52 -5.10 2.36 12.26
CA ARG C 52 -5.17 1.37 13.33
C ARG C 52 -4.96 2.04 14.68
N GLY C 53 -5.23 1.31 15.74
CA GLY C 53 -5.03 1.77 17.09
C GLY C 53 -4.59 0.63 17.99
N LEU C 54 -4.31 0.96 19.24
CA LEU C 54 -3.70 -0.01 20.14
C LEU C 54 -4.78 -0.88 20.80
N LEU C 55 -4.49 -2.16 20.91
CA LEU C 55 -5.38 -3.19 21.45
C LEU C 55 -5.10 -3.37 22.94
N GLY C 56 -6.13 -3.22 23.75
CA GLY C 56 -5.99 -3.52 25.16
C GLY C 56 -7.32 -3.57 25.86
N HIS C 57 -7.30 -3.94 27.14
CA HIS C 57 -8.53 -3.95 27.94
C HIS C 57 -8.99 -2.51 28.25
N SER C 58 -8.04 -1.65 28.58
CA SER C 58 -8.27 -0.19 28.69
C SER C 58 -8.16 0.44 27.27
N ASP C 59 -7.96 1.77 27.20
CA ASP C 59 -7.68 2.47 25.91
C ASP C 59 -6.24 2.16 25.33
N ALA C 60 -5.50 1.35 26.04
CA ALA C 60 -4.21 0.82 25.62
C ALA C 60 -3.17 1.90 25.37
N ASP C 61 -3.23 2.99 26.13
CA ASP C 61 -2.27 4.08 25.99
C ASP C 61 -0.91 3.65 26.55
N VAL C 62 -0.07 3.16 25.65
CA VAL C 62 1.18 2.53 26.02
CA VAL C 62 1.16 2.54 26.00
C VAL C 62 2.10 3.47 26.76
N LEU C 63 2.12 4.75 26.37
CA LEU C 63 2.96 5.70 27.03
C LEU C 63 2.54 5.95 28.46
N LEU C 64 1.26 6.23 28.66
CA LEU C 64 0.79 6.45 30.00
C LEU C 64 0.95 5.23 30.88
N HIS C 65 0.79 4.04 30.31
CA HIS C 65 1.03 2.82 31.08
C HIS C 65 2.47 2.67 31.51
N ALA C 66 3.40 2.91 30.58
CA ALA C 66 4.82 2.85 30.97
C ALA C 66 5.17 3.83 32.08
N ILE C 67 4.64 5.04 32.01
CA ILE C 67 4.91 6.03 33.03
C ILE C 67 4.30 5.64 34.37
N THR C 68 3.08 5.18 34.33
CA THR C 68 2.40 4.69 35.52
C THR C 68 3.23 3.59 36.21
N ASP C 69 3.70 2.62 35.45
CA ASP C 69 4.55 1.58 35.97
C ASP C 69 5.86 2.10 36.55
N ALA C 70 6.50 3.05 35.89
CA ALA C 70 7.73 3.62 36.42
C ALA C 70 7.47 4.30 37.80
N LEU C 71 6.31 4.95 37.92
CA LEU C 71 5.99 5.63 39.16
C LEU C 71 5.65 4.68 40.30
N PHE C 72 4.84 3.67 40.00
CA PHE C 72 4.58 2.64 40.99
C PHE C 72 5.90 1.94 41.38
N GLY C 73 6.76 1.74 40.39
CA GLY C 73 8.05 1.09 40.62
C GLY C 73 8.95 1.88 41.55
N ALA C 74 9.05 3.19 41.35
CA ALA C 74 9.87 4.08 42.15
C ALA C 74 9.37 4.13 43.59
N ALA C 75 8.06 4.05 43.76
CA ALA C 75 7.45 4.12 45.08
C ALA C 75 7.34 2.72 45.74
N ALA C 76 7.77 1.66 45.05
CA ALA C 76 7.68 0.28 45.50
C ALA C 76 6.25 -0.07 45.84
N LEU C 77 5.33 0.34 44.96
CA LEU C 77 3.90 0.08 45.09
C LEU C 77 3.39 -0.98 44.14
N GLY C 78 4.26 -1.69 43.47
CA GLY C 78 3.87 -2.80 42.62
C GLY C 78 3.77 -2.40 41.17
N ASP C 79 2.60 -2.59 40.61
CA ASP C 79 2.46 -2.41 39.19
C ASP C 79 1.02 -2.16 38.79
N ILE C 80 0.87 -1.82 37.55
CA ILE C 80 -0.41 -1.51 36.99
C ILE C 80 -1.36 -2.71 36.99
N GLY C 81 -0.86 -3.89 36.67
CA GLY C 81 -1.67 -5.10 36.80
C GLY C 81 -2.28 -5.29 38.18
N ARG C 82 -1.49 -5.13 39.18
CA ARG C 82 -1.91 -5.23 40.57
C ARG C 82 -2.95 -4.18 40.94
N HIS C 83 -2.73 -2.93 40.53
CA HIS C 83 -3.63 -1.85 40.90
C HIS C 83 -4.90 -1.75 40.06
N PHE C 84 -4.79 -2.03 38.76
CA PHE C 84 -5.88 -1.82 37.80
C PHE C 84 -6.18 -3.08 36.97
N ASP C 95 -10.28 5.96 31.76
CA ASP C 95 -9.27 5.89 30.71
C ASP C 95 -7.87 6.01 31.32
N SER C 96 -6.83 5.97 30.50
CA SER C 96 -5.46 5.87 31.04
C SER C 96 -4.98 7.13 31.76
N ARG C 97 -5.54 8.30 31.42
CA ARG C 97 -5.22 9.53 32.13
C ARG C 97 -5.81 9.49 33.52
N ALA C 98 -7.04 8.96 33.65
CA ALA C 98 -7.62 8.76 34.99
C ALA C 98 -6.78 7.82 35.82
N LEU C 99 -6.30 6.73 35.19
CA LEU C 99 -5.42 5.78 35.88
C LEU C 99 -4.10 6.45 36.30
N LEU C 100 -3.55 7.32 35.45
CA LEU C 100 -2.33 8.05 35.79
C LEU C 100 -2.55 9.03 36.96
N ARG C 101 -3.68 9.74 36.96
CA ARG C 101 -4.01 10.60 38.10
C ARG C 101 -4.17 9.81 39.40
N GLU C 102 -4.77 8.62 39.31
CA GLU C 102 -4.91 7.79 40.50
C GLU C 102 -3.55 7.27 40.99
N CYS C 103 -2.72 6.83 40.06
CA CYS C 103 -1.37 6.45 40.39
C CYS C 103 -0.64 7.56 41.12
N ALA C 104 -0.68 8.77 40.58
CA ALA C 104 -0.01 9.91 41.24
C ALA C 104 -0.54 10.07 42.68
N SER C 105 -1.86 9.91 42.84
CA SER C 105 -2.47 10.00 44.15
C SER C 105 -1.90 8.95 45.10
N ARG C 106 -1.77 7.72 44.62
CA ARG C 106 -1.20 6.63 45.41
C ARG C 106 0.28 6.84 45.77
N VAL C 107 1.05 7.41 44.83
CA VAL C 107 2.45 7.73 45.09
C VAL C 107 2.55 8.80 46.18
N ALA C 108 1.68 9.82 46.12
CA ALA C 108 1.66 10.87 47.13
C ALA C 108 1.21 10.32 48.50
N GLN C 109 0.27 9.40 48.48
CA GLN C 109 -0.28 8.76 49.69
C GLN C 109 0.83 8.07 50.47
N ALA C 110 1.79 7.51 49.73
CA ALA C 110 2.93 6.82 50.31
C ALA C 110 4.02 7.77 50.79
N GLY C 111 3.85 9.08 50.58
CA GLY C 111 4.81 10.07 51.03
C GLY C 111 5.84 10.51 50.03
N PHE C 112 5.65 10.16 48.75
CA PHE C 112 6.61 10.54 47.73
C PHE C 112 6.16 11.74 46.93
N ALA C 113 7.14 12.54 46.52
CA ALA C 113 6.94 13.61 45.55
C ALA C 113 7.65 13.21 44.26
N ILE C 114 7.04 13.52 43.14
CA ILE C 114 7.64 13.21 41.86
C ILE C 114 8.60 14.33 41.45
N ARG C 115 9.85 13.98 41.10
CA ARG C 115 10.84 14.95 40.64
C ARG C 115 10.93 15.07 39.13
N ASN C 116 10.93 13.96 38.39
CA ASN C 116 10.86 14.07 36.96
C ASN C 116 10.45 12.74 36.35
N VAL C 117 10.00 12.86 35.12
CA VAL C 117 9.71 11.69 34.28
C VAL C 117 10.34 11.88 32.90
N ASP C 118 10.94 10.83 32.38
CA ASP C 118 11.45 10.76 31.00
C ASP C 118 10.90 9.51 30.34
N SER C 119 10.72 9.54 29.03
CA SER C 119 10.08 8.42 28.33
C SER C 119 10.44 8.43 26.88
N THR C 120 10.22 7.29 26.24
CA THR C 120 10.46 7.11 24.80
C THR C 120 9.31 6.28 24.25
N ILE C 121 8.81 6.67 23.10
CA ILE C 121 7.82 5.90 22.34
C ILE C 121 8.56 5.37 21.12
N ILE C 122 8.38 4.09 20.81
CA ILE C 122 8.99 3.47 19.60
C ILE C 122 7.86 3.01 18.70
N ALA C 123 7.74 3.70 17.56
CA ALA C 123 6.68 3.41 16.59
C ALA C 123 7.26 3.65 15.21
N GLN C 124 7.03 2.73 14.30
CA GLN C 124 7.50 2.93 12.93
C GLN C 124 6.68 4.01 12.21
N ALA C 125 5.40 4.08 12.54
CA ALA C 125 4.41 5.00 11.95
C ALA C 125 3.22 5.03 12.93
N PRO C 126 2.43 6.11 12.92
CA PRO C 126 2.67 7.37 12.22
C PRO C 126 3.77 8.23 12.86
N LYS C 127 4.01 9.39 12.27
CA LYS C 127 4.94 10.38 12.80
C LYS C 127 4.37 10.93 14.12
N LEU C 128 5.17 10.86 15.17
CA LEU C 128 4.70 11.32 16.48
C LEU C 128 5.20 12.70 16.85
N ALA C 129 6.20 13.22 16.15
CA ALA C 129 6.80 14.49 16.56
C ALA C 129 5.78 15.61 16.71
N PRO C 130 4.77 15.70 15.81
CA PRO C 130 3.82 16.80 15.93
C PRO C 130 2.96 16.74 17.21
N HIS C 131 2.89 15.55 17.82
CA HIS C 131 2.05 15.30 19.00
C HIS C 131 2.73 15.30 20.34
N ILE C 132 4.06 15.32 20.36
CA ILE C 132 4.81 15.19 21.60
CA ILE C 132 4.88 15.22 21.57
C ILE C 132 4.50 16.29 22.59
N ASP C 133 4.39 17.52 22.11
CA ASP C 133 4.13 18.59 23.04
C ASP C 133 2.80 18.44 23.77
N ALA C 134 1.78 17.95 23.07
CA ALA C 134 0.47 17.76 23.72
C ALA C 134 0.55 16.60 24.69
N MET C 135 1.36 15.58 24.39
CA MET C 135 1.51 14.48 25.33
C MET C 135 2.15 14.95 26.62
N ARG C 136 3.19 15.75 26.48
CA ARG C 136 3.92 16.25 27.61
C ARG C 136 3.00 17.11 28.51
N ALA C 137 2.18 17.96 27.89
CA ALA C 137 1.20 18.78 28.59
C ALA C 137 0.22 17.91 29.34
N ASN C 138 -0.29 16.85 28.72
CA ASN C 138 -1.25 16.00 29.37
C ASN C 138 -0.64 15.33 30.60
N ILE C 139 0.59 14.81 30.44
CA ILE C 139 1.28 14.12 31.53
C ILE C 139 1.54 15.10 32.69
N ALA C 140 2.04 16.26 32.34
CA ALA C 140 2.36 17.26 33.32
C ALA C 140 1.11 17.68 34.17
N ALA C 141 0.00 17.85 33.46
CA ALA C 141 -1.28 18.14 34.11
C ALA C 141 -1.74 16.99 35.03
N ASP C 142 -1.62 15.76 34.56
CA ASP C 142 -2.04 14.60 35.36
C ASP C 142 -1.20 14.35 36.57
N LEU C 143 0.10 14.65 36.51
CA LEU C 143 1.03 14.48 37.64
C LEU C 143 1.26 15.74 38.48
N ASP C 144 0.60 16.83 38.08
CA ASP C 144 0.77 18.14 38.74
C ASP C 144 2.23 18.55 38.79
N LEU C 145 2.87 18.48 37.64
CA LEU C 145 4.27 18.83 37.46
C LEU C 145 4.36 19.96 36.47
N PRO C 146 5.40 20.79 36.61
CA PRO C 146 5.68 21.72 35.55
C PRO C 146 6.22 20.99 34.31
N LEU C 147 6.07 21.61 33.15
CA LEU C 147 6.47 20.99 31.89
C LEU C 147 7.93 20.63 31.90
N ASP C 148 8.73 21.43 32.57
CA ASP C 148 10.15 21.24 32.55
C ASP C 148 10.67 20.03 33.30
N ARG C 149 9.75 19.31 33.91
CA ARG C 149 10.04 18.04 34.60
C ARG C 149 9.50 16.80 33.89
N VAL C 150 8.97 17.00 32.69
CA VAL C 150 8.40 15.88 31.92
C VAL C 150 9.02 15.88 30.53
N ASN C 151 9.48 14.73 30.04
CA ASN C 151 10.03 14.59 28.72
C ASN C 151 9.50 13.35 28.04
N VAL C 152 9.19 13.51 26.75
CA VAL C 152 8.70 12.43 25.91
C VAL C 152 9.53 12.46 24.62
N LYS C 153 10.13 11.35 24.25
CA LYS C 153 10.97 11.20 23.09
C LYS C 153 10.32 10.24 22.12
N ALA C 154 10.55 10.45 20.84
CA ALA C 154 10.00 9.59 19.80
C ALA C 154 11.10 8.94 18.99
N LYS C 155 10.95 7.66 18.66
CA LYS C 155 11.96 6.87 17.91
C LYS C 155 11.19 5.98 16.95
N THR C 156 11.82 5.63 15.84
CA THR C 156 11.44 4.45 15.08
C THR C 156 12.29 3.25 15.50
N ASN C 157 11.98 2.06 14.97
CA ASN C 157 12.80 0.89 15.22
C ASN C 157 13.64 0.47 14.03
N GLU C 158 13.88 1.40 13.14
CA GLU C 158 14.70 1.17 11.95
C GLU C 158 14.26 -0.05 11.16
N LYS C 159 12.96 -0.23 11.06
CA LYS C 159 12.38 -1.33 10.30
C LYS C 159 12.68 -2.76 10.81
N LEU C 160 13.13 -2.85 12.06
CA LEU C 160 13.50 -4.12 12.68
C LEU C 160 12.37 -4.65 13.59
N GLY C 161 12.08 -5.94 13.43
CA GLY C 161 11.18 -6.64 14.27
C GLY C 161 9.73 -6.28 14.11
N TYR C 162 8.93 -6.75 15.05
CA TYR C 162 7.51 -6.40 15.05
C TYR C 162 7.25 -4.90 15.15
N LEU C 163 8.09 -4.16 15.88
CA LEU C 163 7.92 -2.71 15.94
C LEU C 163 8.21 -2.14 14.55
N GLY C 164 9.28 -2.62 13.92
CA GLY C 164 9.68 -2.07 12.64
C GLY C 164 8.70 -2.44 11.53
N ARG C 165 7.95 -3.52 11.70
CA ARG C 165 6.89 -3.91 10.75
C ARG C 165 5.56 -3.24 11.03
N GLY C 166 5.50 -2.41 12.07
CA GLY C 166 4.26 -1.70 12.42
C GLY C 166 3.19 -2.56 13.06
N GLU C 167 3.58 -3.63 13.73
CA GLU C 167 2.65 -4.56 14.37
C GLU C 167 2.32 -4.12 15.82
N GLY C 168 3.12 -3.22 16.40
CA GLY C 168 2.93 -2.76 17.73
C GLY C 168 3.64 -1.44 18.00
N ILE C 169 3.36 -0.85 19.15
CA ILE C 169 4.07 0.32 19.62
C ILE C 169 4.51 0.04 21.05
N GLU C 170 5.75 0.42 21.33
CA GLU C 170 6.34 0.26 22.66
C GLU C 170 6.59 1.64 23.29
N ALA C 171 6.51 1.66 24.60
CA ALA C 171 6.95 2.78 25.41
C ALA C 171 7.83 2.35 26.58
N GLN C 172 8.80 3.19 26.87
CA GLN C 172 9.69 3.05 28.00
C GLN C 172 9.63 4.32 28.83
N ALA C 173 9.74 4.19 30.14
CA ALA C 173 9.76 5.35 31.00
C ALA C 173 10.65 5.17 32.19
N ALA C 174 11.13 6.31 32.70
CA ALA C 174 11.92 6.37 33.92
C ALA C 174 11.36 7.48 34.79
N ALA C 175 11.37 7.29 36.09
CA ALA C 175 10.86 8.28 37.02
C ALA C 175 11.73 8.36 38.23
N LEU C 176 11.91 9.60 38.70
CA LEU C 176 12.59 9.88 39.94
C LEU C 176 11.61 10.51 40.93
N VAL C 177 11.54 9.92 42.12
CA VAL C 177 10.70 10.43 43.22
C VAL C 177 11.58 10.62 44.47
N VAL C 178 11.02 11.31 45.44
CA VAL C 178 11.70 11.53 46.71
C VAL C 178 10.70 11.53 47.86
N ARG C 179 11.10 10.94 48.97
CA ARG C 179 10.29 10.96 50.20
C ARG C 179 10.91 11.93 51.11
N MET D 22 -7.38 12.55 -13.36
CA MET D 22 -6.18 13.23 -13.74
C MET D 22 -5.56 12.65 -14.99
N ASP D 23 -4.58 11.79 -14.83
CA ASP D 23 -3.94 11.19 -15.98
C ASP D 23 -4.74 9.94 -16.44
N PHE D 24 -5.90 10.20 -16.98
CA PHE D 24 -6.77 9.17 -17.49
C PHE D 24 -6.28 8.67 -18.87
N ARG D 25 -6.59 7.40 -19.15
CA ARG D 25 -6.32 6.79 -20.44
C ARG D 25 -7.46 5.87 -20.77
N ILE D 26 -7.78 5.77 -22.06
CA ILE D 26 -8.80 4.82 -22.55
C ILE D 26 -8.22 3.73 -23.39
N GLY D 27 -8.88 2.59 -23.35
CA GLY D 27 -8.50 1.45 -24.16
C GLY D 27 -9.72 0.78 -24.72
N GLN D 28 -9.49 0.06 -25.81
CA GLN D 28 -10.55 -0.69 -26.49
C GLN D 28 -10.04 -2.08 -26.86
N GLY D 29 -10.95 -3.02 -26.90
CA GLY D 29 -10.62 -4.40 -27.22
C GLY D 29 -11.65 -5.08 -28.09
N TYR D 30 -11.19 -6.06 -28.83
CA TYR D 30 -11.98 -6.88 -29.75
C TYR D 30 -11.53 -8.30 -29.70
N ASP D 31 -12.45 -9.26 -29.75
CA ASP D 31 -12.05 -10.63 -29.91
C ASP D 31 -13.19 -11.41 -30.60
N VAL D 32 -12.84 -12.47 -31.30
CA VAL D 32 -13.77 -13.37 -31.89
C VAL D 32 -13.21 -14.76 -31.87
N HIS D 33 -14.05 -15.76 -31.70
CA HIS D 33 -13.64 -17.16 -31.80
C HIS D 33 -14.72 -17.96 -32.50
N GLN D 34 -14.31 -18.99 -33.24
CA GLN D 34 -15.25 -19.92 -33.86
C GLN D 34 -15.97 -20.73 -32.80
N LEU D 35 -17.22 -21.06 -33.11
CA LEU D 35 -18.02 -21.98 -32.32
CA LEU D 35 -18.00 -22.06 -32.34
C LEU D 35 -17.91 -23.41 -32.98
N VAL D 36 -17.53 -24.41 -32.19
CA VAL D 36 -17.33 -25.72 -32.76
C VAL D 36 -17.81 -26.76 -31.77
N PRO D 37 -18.21 -27.93 -32.31
CA PRO D 37 -18.53 -29.07 -31.39
C PRO D 37 -17.32 -29.50 -30.55
N GLY D 38 -17.56 -30.02 -29.36
CA GLY D 38 -16.49 -30.73 -28.62
C GLY D 38 -15.63 -29.83 -27.74
N ARG D 39 -16.07 -28.58 -27.56
CA ARG D 39 -15.41 -27.55 -26.74
C ARG D 39 -16.39 -27.03 -25.66
N PRO D 40 -15.88 -26.76 -24.45
CA PRO D 40 -16.69 -26.01 -23.47
C PRO D 40 -17.00 -24.58 -23.96
N LEU D 41 -18.18 -24.06 -23.60
CA LEU D 41 -18.54 -22.68 -23.89
C LEU D 41 -18.35 -21.89 -22.60
N ILE D 42 -17.28 -21.13 -22.54
CA ILE D 42 -16.94 -20.33 -21.39
C ILE D 42 -16.89 -18.89 -21.82
N ILE D 43 -17.77 -18.06 -21.26
CA ILE D 43 -17.86 -16.62 -21.58
C ILE D 43 -17.98 -15.83 -20.33
N GLY D 44 -17.07 -14.87 -20.15
CA GLY D 44 -17.05 -14.11 -18.89
C GLY D 44 -16.82 -15.00 -17.68
N GLY D 45 -16.06 -16.07 -17.88
CA GLY D 45 -15.79 -17.04 -16.83
C GLY D 45 -16.88 -18.04 -16.53
N VAL D 46 -18.04 -17.91 -17.18
CA VAL D 46 -19.16 -18.75 -16.88
C VAL D 46 -19.17 -19.89 -17.85
N THR D 47 -19.26 -21.14 -17.34
CA THR D 47 -19.44 -22.30 -18.19
C THR D 47 -20.90 -22.47 -18.51
N ILE D 48 -21.26 -22.31 -19.78
CA ILE D 48 -22.63 -22.25 -20.23
C ILE D 48 -22.92 -23.56 -20.94
N PRO D 49 -23.96 -24.30 -20.51
CA PRO D 49 -24.28 -25.55 -21.21
C PRO D 49 -24.72 -25.27 -22.64
N TYR D 50 -24.09 -25.91 -23.61
CA TYR D 50 -24.34 -25.72 -25.04
C TYR D 50 -23.68 -26.83 -25.83
N GLU D 51 -24.20 -27.13 -27.00
CA GLU D 51 -23.69 -28.21 -27.84
C GLU D 51 -22.37 -27.90 -28.54
N ARG D 52 -21.99 -26.63 -28.55
CA ARG D 52 -20.74 -26.17 -29.12
C ARG D 52 -20.02 -25.28 -28.08
N GLY D 53 -18.78 -24.99 -28.35
CA GLY D 53 -18.01 -24.10 -27.54
C GLY D 53 -17.01 -23.37 -28.39
N LEU D 54 -16.25 -22.47 -27.76
CA LEU D 54 -15.35 -21.62 -28.50
C LEU D 54 -13.98 -22.26 -28.67
N LEU D 55 -13.45 -22.11 -29.87
CA LEU D 55 -12.18 -22.70 -30.27
C LEU D 55 -11.04 -21.73 -30.12
N GLY D 56 -10.00 -22.14 -29.39
CA GLY D 56 -8.78 -21.33 -29.30
C GLY D 56 -7.72 -22.12 -28.59
N HIS D 57 -6.57 -21.51 -28.38
CA HIS D 57 -5.46 -22.15 -27.67
C HIS D 57 -5.83 -22.28 -26.19
N SER D 58 -6.30 -21.18 -25.59
CA SER D 58 -6.75 -21.13 -24.20
C SER D 58 -8.19 -21.69 -24.14
N ASP D 59 -8.88 -21.39 -23.04
CA ASP D 59 -10.30 -21.71 -22.95
C ASP D 59 -11.15 -20.89 -23.92
N ALA D 60 -10.56 -19.90 -24.59
CA ALA D 60 -11.21 -19.16 -25.68
C ALA D 60 -12.32 -18.24 -25.20
N ASP D 61 -12.21 -17.74 -23.97
CA ASP D 61 -13.23 -16.85 -23.40
C ASP D 61 -13.12 -15.48 -24.10
N VAL D 62 -13.92 -15.30 -25.12
CA VAL D 62 -13.85 -14.16 -25.99
C VAL D 62 -14.09 -12.86 -25.25
N LEU D 63 -14.98 -12.91 -24.27
CA LEU D 63 -15.31 -11.70 -23.49
C LEU D 63 -14.11 -11.25 -22.66
N LEU D 64 -13.55 -12.18 -21.94
CA LEU D 64 -12.39 -11.84 -21.10
C LEU D 64 -11.19 -11.40 -21.88
N HIS D 65 -11.01 -11.99 -23.07
CA HIS D 65 -9.90 -11.57 -23.93
C HIS D 65 -10.10 -10.15 -24.42
N ALA D 66 -11.33 -9.79 -24.80
CA ALA D 66 -11.57 -8.40 -25.26
C ALA D 66 -11.28 -7.40 -24.16
N ILE D 67 -11.69 -7.74 -22.92
CA ILE D 67 -11.46 -6.88 -21.80
C ILE D 67 -9.98 -6.75 -21.48
N THR D 68 -9.29 -7.88 -21.56
CA THR D 68 -7.82 -7.93 -21.34
C THR D 68 -7.14 -6.98 -22.34
N ASP D 69 -7.52 -7.08 -23.60
CA ASP D 69 -6.99 -6.18 -24.61
C ASP D 69 -7.26 -4.73 -24.35
N ALA D 70 -8.47 -4.36 -23.91
CA ALA D 70 -8.79 -2.97 -23.60
C ALA D 70 -7.90 -2.46 -22.47
N LEU D 71 -7.65 -3.30 -21.48
CA LEU D 71 -6.81 -2.90 -20.34
C LEU D 71 -5.37 -2.71 -20.72
N PHE D 72 -4.80 -3.68 -21.44
CA PHE D 72 -3.42 -3.52 -21.94
C PHE D 72 -3.35 -2.28 -22.86
N GLY D 73 -4.39 -2.06 -23.68
CA GLY D 73 -4.39 -0.88 -24.56
C GLY D 73 -4.40 0.42 -23.83
N ALA D 74 -5.22 0.52 -22.81
CA ALA D 74 -5.30 1.75 -22.02
C ALA D 74 -3.99 2.06 -21.37
N ALA D 75 -3.28 1.02 -20.93
CA ALA D 75 -1.99 1.22 -20.26
C ALA D 75 -0.81 1.26 -21.25
N ALA D 76 -1.06 1.17 -22.56
CA ALA D 76 -0.05 1.17 -23.63
C ALA D 76 0.95 0.07 -23.36
N LEU D 77 0.44 -1.11 -22.99
CA LEU D 77 1.27 -2.30 -22.75
C LEU D 77 1.16 -3.33 -23.86
N GLY D 78 0.67 -2.94 -25.01
CA GLY D 78 0.64 -3.89 -26.14
C GLY D 78 -0.66 -4.61 -26.19
N ASP D 79 -0.61 -5.94 -26.25
CA ASP D 79 -1.80 -6.73 -26.45
C ASP D 79 -1.69 -8.11 -25.82
N ILE D 80 -2.79 -8.84 -25.85
CA ILE D 80 -2.88 -10.09 -25.14
C ILE D 80 -1.89 -11.11 -25.70
N GLY D 81 -1.67 -11.10 -27.00
CA GLY D 81 -0.72 -12.04 -27.62
C GLY D 81 0.74 -11.78 -27.27
N ARG D 82 1.10 -10.53 -27.07
CA ARG D 82 2.43 -10.20 -26.60
C ARG D 82 2.67 -10.72 -25.17
N HIS D 83 1.65 -10.60 -24.32
CA HIS D 83 1.77 -11.00 -22.93
C HIS D 83 1.68 -12.46 -22.60
N PHE D 84 0.86 -13.16 -23.36
CA PHE D 84 0.59 -14.60 -23.11
C PHE D 84 0.72 -15.31 -24.44
N SER D 85 1.84 -15.99 -24.66
CA SER D 85 2.16 -16.63 -25.95
CA SER D 85 2.13 -16.57 -25.98
C SER D 85 1.14 -17.68 -26.35
N ASP D 86 0.53 -17.56 -27.52
CA ASP D 86 -0.46 -18.55 -27.99
C ASP D 86 0.20 -19.78 -28.61
N PRO D 89 2.68 -24.12 -24.52
CA PRO D 89 1.84 -25.17 -23.95
C PRO D 89 1.32 -24.84 -22.56
N ARG D 90 2.00 -24.00 -21.80
CA ARG D 90 1.46 -23.70 -20.52
C ARG D 90 0.07 -23.01 -20.58
N PHE D 91 -0.21 -22.35 -21.68
CA PHE D 91 -1.48 -21.65 -21.85
C PHE D 91 -2.55 -22.47 -22.58
N LYS D 92 -2.19 -23.69 -22.98
CA LYS D 92 -3.14 -24.60 -23.62
C LYS D 92 -4.26 -24.86 -22.65
N GLY D 93 -5.49 -24.51 -23.04
CA GLY D 93 -6.65 -24.70 -22.17
C GLY D 93 -6.68 -23.73 -20.99
N ALA D 94 -5.84 -22.68 -21.00
CA ALA D 94 -5.72 -21.75 -19.87
C ALA D 94 -7.01 -21.09 -19.48
N ASP D 95 -7.20 -20.95 -18.18
CA ASP D 95 -8.30 -20.25 -17.58
C ASP D 95 -8.10 -18.78 -17.86
N SER D 96 -9.00 -18.20 -18.67
CA SER D 96 -8.84 -16.81 -19.04
C SER D 96 -9.13 -15.84 -17.92
N ARG D 97 -9.74 -16.30 -16.81
CA ARG D 97 -9.82 -15.44 -15.64
C ARG D 97 -8.47 -15.23 -15.00
N ALA D 98 -7.66 -16.31 -14.99
CA ALA D 98 -6.28 -16.16 -14.49
C ALA D 98 -5.48 -15.21 -15.39
N LEU D 99 -5.69 -15.28 -16.70
CA LEU D 99 -5.01 -14.35 -17.60
C LEU D 99 -5.48 -12.92 -17.32
N LEU D 100 -6.79 -12.69 -17.12
CA LEU D 100 -7.28 -11.38 -16.81
C LEU D 100 -6.70 -10.83 -15.49
N ARG D 101 -6.60 -11.69 -14.48
CA ARG D 101 -6.01 -11.25 -13.23
C ARG D 101 -4.53 -10.89 -13.37
N GLU D 102 -3.81 -11.62 -14.19
CA GLU D 102 -2.42 -11.31 -14.46
C GLU D 102 -2.30 -10.02 -15.27
N CYS D 103 -3.17 -9.81 -16.25
CA CYS D 103 -3.22 -8.56 -16.94
C CYS D 103 -3.41 -7.40 -15.97
N ALA D 104 -4.38 -7.51 -15.06
CA ALA D 104 -4.65 -6.45 -14.11
C ALA D 104 -3.43 -6.19 -13.24
N SER D 105 -2.72 -7.24 -12.87
CA SER D 105 -1.51 -7.12 -12.09
C SER D 105 -0.41 -6.37 -12.85
N ARG D 106 -0.27 -6.63 -14.14
CA ARG D 106 0.71 -5.91 -14.95
C ARG D 106 0.32 -4.46 -15.21
N VAL D 107 -0.96 -4.19 -15.42
CA VAL D 107 -1.46 -2.80 -15.52
C VAL D 107 -1.14 -2.06 -14.24
N ALA D 108 -1.35 -2.68 -13.08
CA ALA D 108 -1.02 -2.02 -11.81
C ALA D 108 0.49 -1.82 -11.66
N GLN D 109 1.29 -2.78 -12.12
CA GLN D 109 2.76 -2.64 -12.06
C GLN D 109 3.22 -1.50 -12.93
N ALA D 110 2.51 -1.22 -14.00
CA ALA D 110 2.80 -0.10 -14.89
C ALA D 110 2.36 1.24 -14.29
N GLY D 111 1.59 1.24 -13.20
CA GLY D 111 1.23 2.44 -12.48
C GLY D 111 -0.19 2.87 -12.66
N PHE D 112 -1.07 1.98 -13.14
CA PHE D 112 -2.44 2.39 -13.45
C PHE D 112 -3.44 1.72 -12.56
N ALA D 113 -4.49 2.44 -12.25
CA ALA D 113 -5.65 1.94 -11.52
C ALA D 113 -6.82 1.87 -12.53
N ILE D 114 -7.61 0.83 -12.43
CA ILE D 114 -8.77 0.65 -13.32
C ILE D 114 -9.98 1.42 -12.75
N ARG D 115 -10.65 2.23 -13.58
CA ARG D 115 -11.84 2.94 -13.17
C ARG D 115 -13.14 2.27 -13.64
N ASN D 116 -13.24 1.76 -14.85
CA ASN D 116 -14.43 1.04 -15.27
C ASN D 116 -14.16 0.26 -16.51
N VAL D 117 -15.00 -0.74 -16.71
CA VAL D 117 -15.02 -1.54 -17.92
C VAL D 117 -16.44 -1.64 -18.45
N ASP D 118 -16.59 -1.59 -19.77
CA ASP D 118 -17.87 -1.82 -20.41
C ASP D 118 -17.59 -2.79 -21.54
N SER D 119 -18.57 -3.60 -21.93
CA SER D 119 -18.37 -4.64 -22.91
C SER D 119 -19.65 -5.05 -23.57
N THR D 120 -19.55 -5.73 -24.72
CA THR D 120 -20.66 -6.28 -25.44
C THR D 120 -20.26 -7.64 -25.93
N ILE D 121 -21.17 -8.60 -25.87
CA ILE D 121 -21.04 -9.90 -26.45
C ILE D 121 -22.10 -10.05 -27.54
N ILE D 122 -21.71 -10.59 -28.69
CA ILE D 122 -22.59 -10.77 -29.86
CA ILE D 122 -22.61 -10.78 -29.85
C ILE D 122 -22.67 -12.24 -30.27
N ALA D 123 -23.84 -12.86 -30.14
CA ALA D 123 -24.02 -14.30 -30.48
C ALA D 123 -25.46 -14.56 -30.94
N GLN D 124 -25.63 -15.48 -31.88
CA GLN D 124 -26.94 -15.95 -32.32
C GLN D 124 -27.57 -16.90 -31.29
N ALA D 125 -26.71 -17.69 -30.67
CA ALA D 125 -27.11 -18.71 -29.72
C ALA D 125 -25.87 -19.07 -28.94
N PRO D 126 -26.02 -19.59 -27.68
CA PRO D 126 -27.25 -19.67 -26.92
C PRO D 126 -27.63 -18.30 -26.44
N LYS D 127 -28.76 -18.28 -25.77
CA LYS D 127 -29.24 -17.08 -25.11
C LYS D 127 -28.29 -16.74 -23.95
N LEU D 128 -27.75 -15.53 -23.95
CA LEU D 128 -26.74 -15.13 -22.93
C LEU D 128 -27.30 -14.29 -21.79
N ALA D 129 -28.48 -13.67 -21.96
CA ALA D 129 -29.07 -12.82 -20.92
C ALA D 129 -29.09 -13.46 -19.53
N PRO D 130 -29.41 -14.74 -19.42
CA PRO D 130 -29.45 -15.32 -18.07
C PRO D 130 -28.10 -15.44 -17.33
N HIS D 131 -27.02 -15.27 -18.08
CA HIS D 131 -25.66 -15.47 -17.59
C HIS D 131 -24.91 -14.16 -17.37
N ILE D 132 -25.50 -13.04 -17.79
CA ILE D 132 -24.79 -11.76 -17.78
C ILE D 132 -24.42 -11.36 -16.38
N ASP D 133 -25.32 -11.56 -15.42
CA ASP D 133 -25.03 -11.14 -14.06
C ASP D 133 -23.84 -11.90 -13.49
N ALA D 134 -23.75 -13.18 -13.77
CA ALA D 134 -22.62 -13.96 -13.29
C ALA D 134 -21.33 -13.50 -13.97
N MET D 135 -21.38 -13.17 -15.25
CA MET D 135 -20.19 -12.66 -15.96
C MET D 135 -19.68 -11.39 -15.30
N ARG D 136 -20.60 -10.46 -15.05
CA ARG D 136 -20.24 -9.20 -14.42
C ARG D 136 -19.57 -9.42 -13.09
N ALA D 137 -20.13 -10.32 -12.28
CA ALA D 137 -19.57 -10.61 -10.97
C ALA D 137 -18.17 -11.21 -11.09
N ASN D 138 -17.94 -12.06 -12.09
CA ASN D 138 -16.62 -12.68 -12.27
C ASN D 138 -15.59 -11.59 -12.64
N ILE D 139 -15.95 -10.75 -13.58
CA ILE D 139 -15.05 -9.67 -14.06
C ILE D 139 -14.73 -8.73 -12.91
N ALA D 140 -15.73 -8.33 -12.13
CA ALA D 140 -15.50 -7.43 -11.03
C ALA D 140 -14.58 -8.05 -10.00
N ALA D 141 -14.80 -9.31 -9.67
CA ALA D 141 -13.91 -10.00 -8.72
C ALA D 141 -12.48 -10.04 -9.25
N ASP D 142 -12.30 -10.40 -10.50
CA ASP D 142 -10.97 -10.50 -11.07
C ASP D 142 -10.22 -9.18 -11.13
N LEU D 143 -10.94 -8.09 -11.34
CA LEU D 143 -10.33 -6.77 -11.41
C LEU D 143 -10.32 -6.03 -10.10
N ASP D 144 -10.82 -6.67 -9.05
CA ASP D 144 -10.92 -5.98 -7.73
C ASP D 144 -11.71 -4.67 -7.85
N LEU D 145 -12.85 -4.76 -8.52
CA LEU D 145 -13.74 -3.63 -8.67
C LEU D 145 -15.09 -3.92 -8.04
N PRO D 146 -15.79 -2.88 -7.60
CA PRO D 146 -17.20 -3.07 -7.33
C PRO D 146 -18.02 -3.35 -8.59
N LEU D 147 -19.15 -4.02 -8.44
CA LEU D 147 -19.98 -4.37 -9.52
CA LEU D 147 -20.02 -4.37 -9.46
C LEU D 147 -20.41 -3.17 -10.31
N ASP D 148 -20.56 -2.00 -9.66
CA ASP D 148 -21.05 -0.86 -10.34
C ASP D 148 -20.04 -0.17 -11.23
N ARG D 149 -18.85 -0.74 -11.34
CA ARG D 149 -17.84 -0.28 -12.33
C ARG D 149 -17.62 -1.25 -13.48
N VAL D 150 -18.46 -2.28 -13.61
CA VAL D 150 -18.33 -3.31 -14.62
C VAL D 150 -19.68 -3.45 -15.32
N ASN D 151 -19.65 -3.48 -16.65
CA ASN D 151 -20.87 -3.70 -17.43
C ASN D 151 -20.64 -4.66 -18.56
N VAL D 152 -21.60 -5.54 -18.73
CA VAL D 152 -21.60 -6.49 -19.82
C VAL D 152 -22.97 -6.46 -20.49
N LYS D 153 -22.98 -6.27 -21.80
CA LYS D 153 -24.20 -6.19 -22.60
C LYS D 153 -24.26 -7.34 -23.57
N ALA D 154 -25.42 -7.91 -23.81
CA ALA D 154 -25.57 -9.06 -24.71
C ALA D 154 -26.46 -8.68 -25.87
N LYS D 155 -26.03 -9.05 -27.08
CA LYS D 155 -26.64 -8.66 -28.34
C LYS D 155 -26.68 -9.87 -29.27
N THR D 156 -27.66 -9.93 -30.17
CA THR D 156 -27.54 -10.70 -31.37
C THR D 156 -27.05 -9.73 -32.48
N ASN D 157 -26.68 -10.31 -33.60
CA ASN D 157 -26.35 -9.57 -34.79
C ASN D 157 -27.50 -9.51 -35.78
N GLU D 158 -28.73 -9.63 -35.27
CA GLU D 158 -29.92 -9.50 -36.10
C GLU D 158 -29.85 -10.34 -37.41
N LYS D 159 -29.34 -11.55 -37.24
CA LYS D 159 -29.25 -12.54 -38.30
C LYS D 159 -28.26 -12.22 -39.42
N LEU D 160 -27.42 -11.22 -39.29
CA LEU D 160 -26.51 -10.83 -40.33
C LEU D 160 -25.11 -11.49 -40.14
N GLY D 161 -24.55 -11.94 -41.27
CA GLY D 161 -23.17 -12.34 -41.34
C GLY D 161 -22.88 -13.68 -40.69
N TYR D 162 -21.59 -13.97 -40.50
CA TYR D 162 -21.18 -15.20 -39.88
C TYR D 162 -21.66 -15.26 -38.42
N LEU D 163 -21.81 -14.12 -37.74
CA LEU D 163 -22.39 -14.08 -36.40
C LEU D 163 -23.84 -14.55 -36.46
N GLY D 164 -24.62 -14.03 -37.41
CA GLY D 164 -26.01 -14.48 -37.59
C GLY D 164 -26.14 -15.94 -37.98
N ARG D 165 -25.14 -16.48 -38.67
CA ARG D 165 -25.12 -17.93 -39.02
C ARG D 165 -24.63 -18.82 -37.92
N GLY D 166 -24.26 -18.21 -36.77
CA GLY D 166 -23.75 -18.97 -35.65
C GLY D 166 -22.37 -19.55 -35.77
N GLU D 167 -21.54 -18.97 -36.61
CA GLU D 167 -20.23 -19.54 -36.86
C GLU D 167 -19.21 -19.17 -35.75
N GLY D 168 -19.49 -18.12 -34.98
CA GLY D 168 -18.59 -17.66 -33.94
C GLY D 168 -19.30 -16.69 -33.05
N ILE D 169 -18.58 -16.22 -32.04
CA ILE D 169 -19.07 -15.22 -31.09
C ILE D 169 -18.01 -14.15 -30.99
N GLU D 170 -18.45 -12.90 -30.95
CA GLU D 170 -17.59 -11.73 -30.85
C GLU D 170 -17.78 -11.04 -29.52
N ALA D 171 -16.74 -10.39 -29.03
CA ALA D 171 -16.85 -9.48 -27.93
C ALA D 171 -16.11 -8.18 -28.21
N GLN D 172 -16.61 -7.10 -27.66
CA GLN D 172 -16.00 -5.78 -27.71
C GLN D 172 -15.89 -5.26 -26.28
N ALA D 173 -14.90 -4.46 -25.98
CA ALA D 173 -14.75 -3.88 -24.65
C ALA D 173 -14.12 -2.50 -24.71
N ALA D 174 -14.37 -1.75 -23.66
CA ALA D 174 -13.77 -0.47 -23.41
C ALA D 174 -13.36 -0.38 -21.96
N ALA D 175 -12.25 0.26 -21.69
CA ALA D 175 -11.73 0.45 -20.32
C ALA D 175 -11.17 1.84 -20.12
N LEU D 176 -11.41 2.36 -18.92
CA LEU D 176 -10.82 3.61 -18.47
C LEU D 176 -9.94 3.30 -17.29
N VAL D 177 -8.74 3.81 -17.34
CA VAL D 177 -7.77 3.69 -16.28
C VAL D 177 -7.21 5.09 -15.93
N VAL D 178 -6.49 5.17 -14.84
CA VAL D 178 -5.84 6.40 -14.44
CA VAL D 178 -5.81 6.40 -14.48
C VAL D 178 -4.46 6.09 -13.91
N ARG D 179 -3.47 6.87 -14.33
CA ARG D 179 -2.09 6.69 -13.85
C ARG D 179 -1.99 7.33 -12.52
N GLU D 180 -1.75 6.53 -11.52
CA GLU D 180 -1.57 7.02 -10.18
C GLU D 180 -0.20 7.64 -10.02
N MET E 22 -10.33 19.56 -16.68
CA MET E 22 -11.10 18.29 -16.55
C MET E 22 -12.17 18.12 -17.61
N ASP E 23 -12.09 18.90 -18.69
CA ASP E 23 -13.02 18.78 -19.82
C ASP E 23 -12.53 17.72 -20.80
N PHE E 24 -12.63 16.47 -20.36
CA PHE E 24 -12.22 15.33 -21.21
C PHE E 24 -13.30 14.99 -22.23
N ARG E 25 -12.87 14.39 -23.33
CA ARG E 25 -13.79 13.91 -24.36
C ARG E 25 -13.21 12.64 -24.97
N ILE E 26 -14.09 11.71 -25.35
CA ILE E 26 -13.78 10.43 -25.96
CA ILE E 26 -13.61 10.54 -26.03
C ILE E 26 -14.17 10.41 -27.42
N GLY E 27 -13.37 9.75 -28.23
CA GLY E 27 -13.72 9.48 -29.61
C GLY E 27 -13.44 8.06 -30.01
N GLN E 28 -14.09 7.61 -31.09
CA GLN E 28 -13.93 6.30 -31.61
C GLN E 28 -13.85 6.35 -33.14
N GLY E 29 -13.08 5.45 -33.73
CA GLY E 29 -12.92 5.37 -35.16
C GLY E 29 -12.92 3.96 -35.68
N TYR E 30 -13.33 3.83 -36.94
CA TYR E 30 -13.43 2.58 -37.66
C TYR E 30 -13.00 2.78 -39.09
N ASP E 31 -12.26 1.85 -39.67
CA ASP E 31 -12.01 1.86 -41.12
C ASP E 31 -11.80 0.45 -41.59
N VAL E 32 -12.10 0.21 -42.88
CA VAL E 32 -11.84 -1.08 -43.52
C VAL E 32 -11.58 -0.80 -44.98
N HIS E 33 -10.63 -1.54 -45.52
CA HIS E 33 -10.35 -1.55 -46.96
C HIS E 33 -10.17 -2.95 -47.45
N GLN E 34 -10.46 -3.15 -48.76
CA GLN E 34 -10.18 -4.41 -49.42
C GLN E 34 -8.67 -4.66 -49.56
N LEU E 35 -8.27 -5.89 -49.54
CA LEU E 35 -6.91 -6.33 -49.53
CA LEU E 35 -6.93 -6.35 -49.54
C LEU E 35 -6.78 -7.16 -50.83
N VAL E 36 -6.00 -6.65 -51.78
CA VAL E 36 -5.89 -7.27 -53.09
C VAL E 36 -4.48 -7.12 -53.64
N PRO E 37 -4.10 -7.93 -54.63
CA PRO E 37 -2.81 -7.74 -55.29
C PRO E 37 -2.74 -6.40 -55.98
N GLY E 38 -1.52 -5.86 -56.12
CA GLY E 38 -1.30 -4.67 -56.92
C GLY E 38 -1.19 -3.38 -56.18
N ARG E 39 -1.24 -3.46 -54.85
CA ARG E 39 -1.00 -2.30 -54.01
C ARG E 39 -0.04 -2.70 -52.90
N PRO E 40 0.79 -1.77 -52.44
CA PRO E 40 1.56 -2.03 -51.21
C PRO E 40 0.70 -2.09 -49.96
N LEU E 41 1.14 -2.90 -49.01
CA LEU E 41 0.50 -2.93 -47.69
C LEU E 41 1.11 -1.86 -46.76
N ILE E 42 0.38 -0.78 -46.49
CA ILE E 42 0.84 0.28 -45.63
C ILE E 42 -0.14 0.41 -44.46
N ILE E 43 0.35 0.17 -43.25
CA ILE E 43 -0.48 0.23 -42.04
C ILE E 43 0.33 1.02 -41.03
N GLY E 44 -0.31 2.02 -40.43
CA GLY E 44 0.40 2.86 -39.45
C GLY E 44 1.63 3.52 -40.03
N GLY E 45 1.60 3.80 -41.33
CA GLY E 45 2.70 4.40 -42.08
C GLY E 45 3.82 3.45 -42.40
N VAL E 46 3.69 2.19 -42.02
CA VAL E 46 4.74 1.20 -42.22
C VAL E 46 4.41 0.35 -43.43
N THR E 47 5.39 0.16 -44.31
CA THR E 47 5.27 -0.74 -45.46
C THR E 47 5.61 -2.13 -45.00
N ILE E 48 4.63 -3.00 -45.07
CA ILE E 48 4.70 -4.35 -44.57
C ILE E 48 4.90 -5.28 -45.76
N PRO E 49 5.86 -6.23 -45.66
CA PRO E 49 6.08 -7.14 -46.78
C PRO E 49 4.88 -8.07 -46.95
N TYR E 50 4.25 -8.01 -48.12
CA TYR E 50 3.10 -8.84 -48.40
C TYR E 50 2.72 -8.70 -49.87
N GLU E 51 2.19 -9.79 -50.38
CA GLU E 51 1.79 -9.90 -51.81
C GLU E 51 0.46 -9.24 -52.13
N ARG E 52 -0.23 -8.69 -51.13
CA ARG E 52 -1.45 -7.92 -51.35
C ARG E 52 -1.34 -6.64 -50.53
N GLY E 53 -2.11 -5.66 -50.92
CA GLY E 53 -2.17 -4.39 -50.23
C GLY E 53 -3.56 -3.83 -50.21
N LEU E 54 -3.73 -2.73 -49.50
CA LEU E 54 -5.05 -2.18 -49.27
C LEU E 54 -5.44 -1.23 -50.39
N LEU E 55 -6.69 -1.33 -50.77
CA LEU E 55 -7.22 -0.74 -51.94
C LEU E 55 -8.10 0.44 -51.58
N GLY E 56 -7.77 1.59 -52.12
CA GLY E 56 -8.53 2.77 -51.91
C GLY E 56 -8.18 3.85 -52.92
N HIS E 57 -8.84 4.97 -52.82
CA HIS E 57 -8.46 6.13 -53.62
C HIS E 57 -7.01 6.56 -53.36
N SER E 58 -6.54 6.38 -52.13
CA SER E 58 -5.16 6.68 -51.78
C SER E 58 -4.38 5.53 -51.23
N ASP E 59 -3.62 5.74 -50.17
CA ASP E 59 -2.86 4.65 -49.63
C ASP E 59 -3.60 3.63 -48.79
N ALA E 60 -4.84 3.92 -48.46
CA ALA E 60 -5.69 2.99 -47.78
C ALA E 60 -5.14 2.50 -46.43
N ASP E 61 -4.45 3.38 -45.73
CA ASP E 61 -3.89 3.05 -44.41
C ASP E 61 -5.02 3.05 -43.39
N VAL E 62 -5.59 1.87 -43.19
CA VAL E 62 -6.78 1.69 -42.36
CA VAL E 62 -6.74 1.68 -42.39
C VAL E 62 -6.52 2.14 -40.93
N LEU E 63 -5.33 1.92 -40.41
CA LEU E 63 -5.04 2.28 -39.02
C LEU E 63 -5.00 3.77 -38.85
N LEU E 64 -4.28 4.45 -39.74
CA LEU E 64 -4.23 5.87 -39.60
C LEU E 64 -5.58 6.55 -39.84
N HIS E 65 -6.37 6.02 -40.74
CA HIS E 65 -7.72 6.52 -40.94
C HIS E 65 -8.59 6.35 -39.71
N ALA E 66 -8.53 5.19 -39.06
CA ALA E 66 -9.34 4.96 -37.87
C ALA E 66 -8.94 5.93 -36.73
N ILE E 67 -7.63 6.13 -36.56
CA ILE E 67 -7.16 7.05 -35.54
C ILE E 67 -7.58 8.51 -35.81
N THR E 68 -7.47 8.92 -37.06
CA THR E 68 -7.89 10.19 -37.49
C THR E 68 -9.35 10.41 -37.18
N ASP E 69 -10.18 9.44 -37.47
CA ASP E 69 -11.64 9.56 -37.17
C ASP E 69 -11.92 9.63 -35.68
N ALA E 70 -11.19 8.85 -34.89
CA ALA E 70 -11.34 8.90 -33.43
C ALA E 70 -11.01 10.30 -32.86
N LEU E 71 -9.99 10.94 -33.42
CA LEU E 71 -9.56 12.24 -32.97
C LEU E 71 -10.56 13.28 -33.40
N PHE E 72 -10.98 13.30 -34.65
CA PHE E 72 -12.06 14.21 -35.03
C PHE E 72 -13.33 13.98 -34.20
N GLY E 73 -13.62 12.74 -33.89
CA GLY E 73 -14.82 12.46 -33.12
C GLY E 73 -14.72 13.00 -31.71
N ALA E 74 -13.55 12.83 -31.08
CA ALA E 74 -13.38 13.31 -29.72
C ALA E 74 -13.49 14.83 -29.64
N ALA E 75 -12.99 15.52 -30.66
CA ALA E 75 -13.02 16.97 -30.72
C ALA E 75 -14.32 17.52 -31.33
N ALA E 76 -15.28 16.65 -31.67
CA ALA E 76 -16.57 16.99 -32.30
C ALA E 76 -16.33 17.84 -33.55
N LEU E 77 -15.39 17.38 -34.37
CA LEU E 77 -15.01 18.03 -35.65
C LEU E 77 -15.51 17.34 -36.88
N GLY E 78 -16.37 16.36 -36.71
CA GLY E 78 -16.92 15.63 -37.82
C GLY E 78 -16.17 14.36 -38.10
N ASP E 79 -15.77 14.18 -39.36
CA ASP E 79 -15.16 12.93 -39.81
C ASP E 79 -14.20 13.17 -40.99
N ILE E 80 -13.46 12.13 -41.38
CA ILE E 80 -12.44 12.29 -42.42
C ILE E 80 -13.07 12.73 -43.76
N GLY E 81 -14.28 12.25 -44.05
CA GLY E 81 -15.00 12.69 -45.23
C GLY E 81 -15.41 14.15 -45.19
N ASP E 95 -1.20 10.93 -48.90
CA ASP E 95 -0.42 10.35 -47.78
C ASP E 95 -1.18 10.37 -46.43
N SER E 96 -1.50 9.20 -45.86
CA SER E 96 -2.30 9.18 -44.65
C SER E 96 -1.57 9.74 -43.43
N ARG E 97 -0.25 9.70 -43.41
CA ARG E 97 0.49 10.37 -42.36
C ARG E 97 0.34 11.88 -42.43
N ALA E 98 0.38 12.45 -43.63
CA ALA E 98 0.12 13.88 -43.79
C ALA E 98 -1.30 14.26 -43.31
N LEU E 99 -2.27 13.41 -43.59
CA LEU E 99 -3.63 13.63 -43.14
C LEU E 99 -3.72 13.56 -41.61
N LEU E 100 -2.97 12.63 -41.00
CA LEU E 100 -2.99 12.51 -39.55
C LEU E 100 -2.38 13.76 -38.91
N ARG E 101 -1.29 14.25 -39.51
CA ARG E 101 -0.69 15.48 -39.03
C ARG E 101 -1.65 16.69 -39.15
N GLU E 102 -2.37 16.77 -40.25
CA GLU E 102 -3.36 17.82 -40.42
C GLU E 102 -4.49 17.70 -39.43
N CYS E 103 -5.01 16.50 -39.22
CA CYS E 103 -5.97 16.27 -38.16
C CYS E 103 -5.48 16.79 -36.82
N ALA E 104 -4.25 16.45 -36.42
CA ALA E 104 -3.72 16.86 -35.15
C ALA E 104 -3.71 18.39 -35.07
N SER E 105 -3.36 19.04 -36.16
CA SER E 105 -3.33 20.51 -36.20
C SER E 105 -4.74 21.07 -35.94
N ARG E 106 -5.73 20.50 -36.59
CA ARG E 106 -7.12 20.89 -36.42
C ARG E 106 -7.65 20.67 -35.03
N VAL E 107 -7.28 19.55 -34.41
CA VAL E 107 -7.68 19.28 -33.08
C VAL E 107 -7.10 20.31 -32.14
N ALA E 108 -5.84 20.64 -32.32
CA ALA E 108 -5.22 21.71 -31.52
C ALA E 108 -5.91 23.08 -31.74
N GLN E 109 -6.24 23.39 -32.97
CA GLN E 109 -6.90 24.67 -33.32
C GLN E 109 -8.26 24.75 -32.70
N ALA E 110 -8.91 23.61 -32.50
CA ALA E 110 -10.21 23.55 -31.88
C ALA E 110 -10.11 23.65 -30.35
N GLY E 111 -8.88 23.70 -29.80
CA GLY E 111 -8.67 23.87 -28.37
C GLY E 111 -8.43 22.63 -27.52
N PHE E 112 -8.05 21.53 -28.16
CA PHE E 112 -7.88 20.29 -27.43
C PHE E 112 -6.45 19.78 -27.45
N ALA E 113 -6.08 19.11 -26.36
CA ALA E 113 -4.83 18.36 -26.27
C ALA E 113 -5.15 16.87 -26.26
N ILE E 114 -4.31 16.10 -26.92
CA ILE E 114 -4.52 14.64 -27.02
C ILE E 114 -3.88 14.00 -25.80
N ARG E 115 -4.58 13.10 -25.12
CA ARG E 115 -4.08 12.40 -23.97
C ARG E 115 -3.63 10.97 -24.29
N ASN E 116 -4.40 10.18 -25.05
CA ASN E 116 -3.92 8.90 -25.49
C ASN E 116 -4.71 8.40 -26.66
N VAL E 117 -4.10 7.45 -27.37
CA VAL E 117 -4.80 6.70 -28.40
CA VAL E 117 -4.71 6.71 -28.48
C VAL E 117 -4.51 5.21 -28.21
N ASP E 118 -5.56 4.41 -28.45
CA ASP E 118 -5.44 2.96 -28.50
C ASP E 118 -6.08 2.48 -29.78
N SER E 119 -5.64 1.34 -30.29
CA SER E 119 -6.15 0.88 -31.61
C SER E 119 -5.92 -0.60 -31.74
N THR E 120 -6.66 -1.18 -32.67
CA THR E 120 -6.55 -2.60 -33.00
C THR E 120 -6.63 -2.74 -34.54
N ILE E 121 -5.74 -3.50 -35.10
CA ILE E 121 -5.80 -3.93 -36.50
C ILE E 121 -6.27 -5.38 -36.55
N ILE E 122 -7.26 -5.69 -37.38
CA ILE E 122 -7.75 -7.05 -37.59
C ILE E 122 -7.35 -7.46 -39.02
N ALA E 123 -6.40 -8.36 -39.04
CA ALA E 123 -5.84 -8.85 -40.28
C ALA E 123 -5.55 -10.34 -40.09
N GLN E 124 -6.00 -11.19 -40.99
CA GLN E 124 -5.72 -12.61 -40.89
C GLN E 124 -4.24 -12.92 -41.14
N ALA E 125 -3.64 -12.14 -42.01
CA ALA E 125 -2.23 -12.27 -42.39
C ALA E 125 -1.82 -10.94 -43.01
N PRO E 126 -0.54 -10.59 -43.00
CA PRO E 126 0.56 -11.28 -42.40
C PRO E 126 0.58 -10.95 -40.92
N LYS E 127 1.59 -11.48 -40.27
CA LYS E 127 1.85 -11.17 -38.87
C LYS E 127 2.24 -9.70 -38.77
N LEU E 128 1.65 -8.99 -37.85
CA LEU E 128 1.92 -7.57 -37.72
C LEU E 128 2.78 -7.20 -36.51
N ALA E 129 2.94 -8.12 -35.55
CA ALA E 129 3.71 -7.84 -34.31
C ALA E 129 5.09 -7.26 -34.60
N PRO E 130 5.82 -7.74 -35.63
CA PRO E 130 7.17 -7.21 -35.79
C PRO E 130 7.19 -5.72 -36.14
N HIS E 131 6.07 -5.17 -36.58
CA HIS E 131 5.96 -3.82 -37.10
C HIS E 131 5.32 -2.83 -36.15
N ILE E 132 4.83 -3.30 -34.99
CA ILE E 132 4.08 -2.45 -34.09
C ILE E 132 4.91 -1.29 -33.57
N ASP E 133 6.16 -1.52 -33.18
CA ASP E 133 6.95 -0.42 -32.69
C ASP E 133 7.06 0.70 -33.70
N ALA E 134 7.29 0.35 -34.96
CA ALA E 134 7.41 1.33 -36.00
C ALA E 134 6.08 2.10 -36.15
N MET E 135 4.95 1.39 -36.12
CA MET E 135 3.66 2.07 -36.22
C MET E 135 3.46 3.07 -35.07
N ARG E 136 3.76 2.64 -33.84
CA ARG E 136 3.65 3.50 -32.68
C ARG E 136 4.51 4.70 -32.80
N ALA E 137 5.74 4.51 -33.26
CA ALA E 137 6.65 5.63 -33.42
C ALA E 137 6.11 6.62 -34.46
N ASN E 138 5.56 6.12 -35.57
CA ASN E 138 5.03 7.01 -36.58
C ASN E 138 3.84 7.81 -36.06
N ILE E 139 2.93 7.14 -35.37
CA ILE E 139 1.73 7.77 -34.84
C ILE E 139 2.12 8.82 -33.80
N ALA E 140 3.01 8.43 -32.88
CA ALA E 140 3.43 9.34 -31.82
C ALA E 140 4.07 10.60 -32.40
N ALA E 141 4.91 10.40 -33.41
CA ALA E 141 5.55 11.56 -34.05
C ALA E 141 4.52 12.46 -34.71
N ASP E 142 3.59 11.86 -35.45
CA ASP E 142 2.57 12.64 -36.16
C ASP E 142 1.65 13.40 -35.21
N LEU E 143 1.40 12.85 -34.04
CA LEU E 143 0.51 13.48 -33.06
C LEU E 143 1.28 14.29 -32.00
N ASP E 144 2.60 14.29 -32.07
CA ASP E 144 3.46 14.89 -31.04
C ASP E 144 3.16 14.42 -29.65
N LEU E 145 3.05 13.12 -29.50
CA LEU E 145 2.72 12.48 -28.22
C LEU E 145 3.90 11.72 -27.69
N PRO E 146 4.02 11.62 -26.37
CA PRO E 146 4.93 10.64 -25.80
C PRO E 146 4.56 9.22 -26.30
N LEU E 147 5.57 8.42 -26.57
CA LEU E 147 5.36 7.08 -27.05
C LEU E 147 4.43 6.26 -26.15
N ASP E 148 4.53 6.48 -24.84
CA ASP E 148 3.71 5.74 -23.89
C ASP E 148 2.25 6.10 -23.84
N ARG E 149 1.83 6.98 -24.72
CA ARG E 149 0.45 7.37 -24.87
C ARG E 149 -0.19 6.83 -26.15
N VAL E 150 0.56 6.00 -26.88
CA VAL E 150 0.08 5.43 -28.14
C VAL E 150 0.18 3.92 -28.07
N ASN E 151 -0.88 3.22 -28.36
CA ASN E 151 -0.90 1.78 -28.38
C ASN E 151 -1.54 1.27 -29.67
N VAL E 152 -0.95 0.20 -30.21
CA VAL E 152 -1.48 -0.51 -31.38
C VAL E 152 -1.45 -1.98 -31.05
N LYS E 153 -2.59 -2.63 -31.30
CA LYS E 153 -2.77 -4.05 -31.07
C LYS E 153 -3.10 -4.72 -32.41
N ALA E 154 -2.78 -5.98 -32.52
CA ALA E 154 -3.10 -6.74 -33.71
C ALA E 154 -3.85 -8.04 -33.37
N LYS E 155 -4.84 -8.39 -34.19
CA LYS E 155 -5.74 -9.55 -34.02
C LYS E 155 -5.88 -10.23 -35.40
N THR E 156 -6.04 -11.54 -35.44
CA THR E 156 -6.66 -12.22 -36.59
C THR E 156 -8.18 -12.22 -36.37
N ASN E 157 -8.91 -12.65 -37.39
CA ASN E 157 -10.33 -12.88 -37.26
C ASN E 157 -10.71 -14.38 -37.19
N GLU E 158 -9.75 -15.20 -36.81
CA GLU E 158 -9.97 -16.61 -36.64
C GLU E 158 -10.67 -17.22 -37.87
N LYS E 159 -10.31 -16.75 -39.04
CA LYS E 159 -10.74 -17.35 -40.31
C LYS E 159 -12.20 -17.09 -40.63
N LEU E 160 -12.83 -16.20 -39.87
CA LEU E 160 -14.25 -15.87 -40.03
C LEU E 160 -14.44 -14.66 -40.92
N GLY E 161 -15.39 -14.74 -41.86
CA GLY E 161 -15.78 -13.58 -42.61
C GLY E 161 -14.80 -13.14 -43.69
N TYR E 162 -15.10 -12.04 -44.31
CA TYR E 162 -14.21 -11.45 -45.29
C TYR E 162 -12.84 -11.11 -44.64
N LEU E 163 -12.79 -10.68 -43.37
CA LEU E 163 -11.49 -10.51 -42.74
C LEU E 163 -10.73 -11.80 -42.61
N GLY E 164 -11.40 -12.83 -42.14
CA GLY E 164 -10.75 -14.10 -41.96
C GLY E 164 -10.31 -14.81 -43.21
N ARG E 165 -10.93 -14.46 -44.34
CA ARG E 165 -10.52 -15.02 -45.61
C ARG E 165 -9.50 -14.13 -46.29
N GLY E 166 -9.00 -13.10 -45.64
CA GLY E 166 -7.99 -12.26 -46.24
C GLY E 166 -8.45 -11.32 -47.34
N GLU E 167 -9.71 -10.94 -47.33
CA GLU E 167 -10.29 -10.06 -48.33
C GLU E 167 -10.29 -8.58 -47.96
N GLY E 168 -10.01 -8.26 -46.69
CA GLY E 168 -9.87 -6.89 -46.24
C GLY E 168 -9.15 -6.88 -44.90
N ILE E 169 -8.81 -5.67 -44.50
CA ILE E 169 -8.25 -5.36 -43.18
C ILE E 169 -9.05 -4.23 -42.55
N GLU E 170 -9.38 -4.42 -41.25
CA GLU E 170 -10.13 -3.44 -40.45
C GLU E 170 -9.19 -2.86 -39.39
N ALA E 171 -9.46 -1.63 -39.04
CA ALA E 171 -8.86 -0.98 -37.85
C ALA E 171 -9.93 -0.27 -37.03
N GLN E 172 -9.72 -0.34 -35.72
CA GLN E 172 -10.54 0.33 -34.75
C GLN E 172 -9.62 1.20 -33.93
N ALA E 173 -10.12 2.33 -33.47
CA ALA E 173 -9.33 3.23 -32.61
C ALA E 173 -10.22 3.91 -31.57
N ALA E 174 -9.59 4.32 -30.48
CA ALA E 174 -10.19 5.11 -29.42
C ALA E 174 -9.20 6.20 -29.07
N ALA E 175 -9.71 7.39 -28.78
CA ALA E 175 -8.90 8.53 -28.40
C ALA E 175 -9.51 9.29 -27.26
N LEU E 176 -8.68 9.76 -26.34
CA LEU E 176 -9.04 10.65 -25.24
C LEU E 176 -8.34 11.98 -25.47
N VAL E 177 -9.11 13.06 -25.40
CA VAL E 177 -8.59 14.40 -25.48
C VAL E 177 -9.10 15.21 -24.30
N VAL E 178 -8.55 16.40 -24.10
CA VAL E 178 -8.98 17.32 -23.06
C VAL E 178 -8.92 18.77 -23.59
N ARG E 179 -9.95 19.52 -23.26
CA ARG E 179 -10.02 20.96 -23.55
C ARG E 179 -9.44 21.73 -22.37
N MET F 22 -14.16 13.95 -10.92
CA MET F 22 -13.11 12.96 -10.87
C MET F 22 -13.57 11.59 -11.30
N ASP F 23 -14.83 11.28 -11.09
CA ASP F 23 -15.31 9.89 -11.30
C ASP F 23 -15.88 9.70 -12.69
N PHE F 24 -14.98 9.72 -13.65
CA PHE F 24 -15.32 9.53 -15.06
C PHE F 24 -15.53 8.04 -15.36
N ARG F 25 -16.43 7.78 -16.31
CA ARG F 25 -16.66 6.42 -16.78
C ARG F 25 -16.85 6.45 -18.30
N ILE F 26 -16.42 5.41 -18.99
CA ILE F 26 -16.64 5.30 -20.43
C ILE F 26 -17.58 4.14 -20.77
N GLY F 27 -18.23 4.28 -21.91
CA GLY F 27 -19.12 3.25 -22.42
C GLY F 27 -19.02 3.11 -23.89
N GLN F 28 -19.37 1.93 -24.39
CA GLN F 28 -19.33 1.65 -25.82
C GLN F 28 -20.62 0.96 -26.22
N GLY F 29 -21.09 1.28 -27.39
CA GLY F 29 -22.28 0.70 -27.94
C GLY F 29 -22.14 0.24 -29.38
N TYR F 30 -22.89 -0.81 -29.72
CA TYR F 30 -22.95 -1.39 -31.04
C TYR F 30 -24.38 -1.73 -31.35
N ASP F 31 -24.81 -1.49 -32.58
CA ASP F 31 -26.10 -1.99 -33.01
C ASP F 31 -26.06 -2.20 -34.49
N VAL F 32 -26.88 -3.14 -34.97
CA VAL F 32 -27.05 -3.39 -36.42
C VAL F 32 -28.49 -3.82 -36.67
N HIS F 33 -29.07 -3.39 -37.78
CA HIS F 33 -30.36 -3.86 -38.16
C HIS F 33 -30.33 -4.11 -39.66
N GLN F 34 -31.18 -5.03 -40.10
CA GLN F 34 -31.41 -5.28 -41.49
C GLN F 34 -32.23 -4.21 -42.18
N LEU F 35 -31.88 -3.93 -43.44
CA LEU F 35 -32.65 -3.03 -44.30
C LEU F 35 -33.67 -3.81 -45.10
N VAL F 36 -34.94 -3.46 -44.99
CA VAL F 36 -36.07 -4.21 -45.57
C VAL F 36 -37.05 -3.27 -46.26
N PRO F 37 -37.84 -3.81 -47.21
CA PRO F 37 -38.87 -3.00 -47.86
C PRO F 37 -40.06 -2.81 -46.90
N GLY F 38 -40.84 -1.74 -47.00
CA GLY F 38 -40.46 -0.40 -47.42
C GLY F 38 -40.77 0.44 -46.19
N ARG F 39 -40.23 -0.01 -45.06
CA ARG F 39 -40.29 0.73 -43.80
C ARG F 39 -39.57 2.04 -44.01
N PRO F 40 -39.92 3.07 -43.21
CA PRO F 40 -39.19 4.34 -43.27
C PRO F 40 -37.80 4.17 -42.69
N LEU F 41 -36.82 4.84 -43.29
CA LEU F 41 -35.43 4.81 -42.80
C LEU F 41 -35.25 5.96 -41.86
N ILE F 42 -35.09 5.63 -40.58
CA ILE F 42 -34.95 6.64 -39.55
C ILE F 42 -33.61 6.38 -38.85
N ILE F 43 -32.71 7.36 -38.92
CA ILE F 43 -31.41 7.25 -38.31
C ILE F 43 -31.14 8.57 -37.57
N GLY F 44 -30.78 8.48 -36.29
CA GLY F 44 -30.56 9.70 -35.50
C GLY F 44 -31.80 10.57 -35.40
N GLY F 45 -32.97 9.93 -35.45
CA GLY F 45 -34.25 10.66 -35.47
C GLY F 45 -34.63 11.29 -36.79
N VAL F 46 -33.80 11.13 -37.83
CA VAL F 46 -34.01 11.80 -39.12
C VAL F 46 -34.57 10.79 -40.10
N THR F 47 -35.72 11.13 -40.70
CA THR F 47 -36.28 10.28 -41.74
C THR F 47 -35.56 10.61 -43.02
N ILE F 48 -34.95 9.60 -43.62
CA ILE F 48 -34.12 9.73 -44.80
C ILE F 48 -34.83 9.04 -45.97
N PRO F 49 -35.08 9.77 -47.06
CA PRO F 49 -35.66 9.16 -48.25
C PRO F 49 -34.85 7.95 -48.71
N TYR F 50 -35.53 6.80 -48.79
CA TYR F 50 -34.91 5.58 -49.25
C TYR F 50 -35.99 4.53 -49.45
N GLU F 51 -35.73 3.60 -50.38
CA GLU F 51 -36.68 2.55 -50.73
C GLU F 51 -36.83 1.47 -49.65
N ARG F 52 -35.91 1.44 -48.69
CA ARG F 52 -35.96 0.47 -47.59
C ARG F 52 -35.76 1.17 -46.26
N GLY F 53 -36.00 0.44 -45.19
CA GLY F 53 -35.83 1.00 -43.85
C GLY F 53 -35.42 -0.10 -42.91
N LEU F 54 -35.11 0.28 -41.68
CA LEU F 54 -34.51 -0.65 -40.75
C LEU F 54 -35.59 -1.45 -40.05
N LEU F 55 -35.32 -2.74 -39.90
CA LEU F 55 -36.24 -3.70 -39.25
C LEU F 55 -35.96 -3.87 -37.76
N GLY F 56 -36.98 -3.67 -36.96
CA GLY F 56 -36.91 -3.94 -35.55
C GLY F 56 -38.26 -3.89 -34.85
N HIS F 57 -38.25 -4.14 -33.56
CA HIS F 57 -39.45 -4.11 -32.74
C HIS F 57 -39.86 -2.67 -32.54
N SER F 58 -38.90 -1.84 -32.20
CA SER F 58 -39.11 -0.41 -32.12
C SER F 58 -38.98 0.15 -33.54
N ASP F 59 -38.78 1.46 -33.72
CA ASP F 59 -38.49 2.09 -35.02
C ASP F 59 -37.09 1.76 -35.60
N ALA F 60 -36.30 1.01 -34.86
CA ALA F 60 -35.03 0.41 -35.34
C ALA F 60 -33.98 1.44 -35.67
N ASP F 61 -33.98 2.55 -34.94
CA ASP F 61 -33.02 3.63 -35.18
C ASP F 61 -31.66 3.18 -34.61
N VAL F 62 -30.87 2.59 -35.48
CA VAL F 62 -29.65 1.95 -35.12
C VAL F 62 -28.67 2.89 -34.41
N LEU F 63 -28.64 4.14 -34.83
CA LEU F 63 -27.72 5.11 -34.17
CA LEU F 63 -27.70 5.13 -34.20
C LEU F 63 -28.10 5.47 -32.78
N LEU F 64 -29.37 5.74 -32.59
CA LEU F 64 -29.88 6.04 -31.26
C LEU F 64 -29.73 4.85 -30.32
N HIS F 65 -29.94 3.65 -30.86
CA HIS F 65 -29.74 2.47 -30.03
C HIS F 65 -28.28 2.30 -29.58
N ALA F 66 -27.33 2.51 -30.50
CA ALA F 66 -25.92 2.37 -30.15
C ALA F 66 -25.54 3.40 -29.08
N ILE F 67 -26.02 4.63 -29.22
CA ILE F 67 -25.74 5.68 -28.24
C ILE F 67 -26.37 5.33 -26.88
N THR F 68 -27.59 4.81 -26.92
CA THR F 68 -28.28 4.39 -25.72
C THR F 68 -27.47 3.31 -24.99
N ASP F 69 -26.96 2.34 -25.74
CA ASP F 69 -26.16 1.28 -25.15
C ASP F 69 -24.84 1.77 -24.59
N ALA F 70 -24.21 2.74 -25.27
CA ALA F 70 -22.98 3.33 -24.74
C ALA F 70 -23.23 4.08 -23.43
N LEU F 71 -24.36 4.75 -23.32
CA LEU F 71 -24.70 5.48 -22.09
C LEU F 71 -25.02 4.53 -20.92
N PHE F 72 -25.84 3.51 -21.21
CA PHE F 72 -26.13 2.51 -20.18
C PHE F 72 -24.83 1.83 -19.75
N GLY F 73 -23.94 1.57 -20.71
CA GLY F 73 -22.66 0.95 -20.44
C GLY F 73 -21.77 1.77 -19.56
N ALA F 74 -21.71 3.06 -19.84
CA ALA F 74 -20.87 3.95 -19.04
C ALA F 74 -21.37 4.09 -17.61
N ALA F 75 -22.68 4.05 -17.44
CA ALA F 75 -23.31 4.16 -16.13
C ALA F 75 -23.45 2.81 -15.41
N ALA F 76 -23.02 1.72 -16.07
CA ALA F 76 -23.11 0.33 -15.59
C ALA F 76 -24.56 -0.02 -15.22
N LEU F 77 -25.45 0.31 -16.14
CA LEU F 77 -26.88 0.07 -15.97
C LEU F 77 -27.39 -1.03 -16.86
N GLY F 78 -26.51 -1.82 -17.48
CA GLY F 78 -26.92 -2.96 -18.28
C GLY F 78 -26.96 -2.58 -19.74
N ASP F 79 -28.10 -2.85 -20.36
CA ASP F 79 -28.22 -2.68 -21.78
C ASP F 79 -29.64 -2.38 -22.20
N ILE F 80 -29.79 -2.05 -23.46
CA ILE F 80 -31.06 -1.61 -23.94
C ILE F 80 -32.10 -2.75 -23.89
N GLY F 81 -31.66 -3.99 -24.09
CA GLY F 81 -32.54 -5.18 -24.02
C GLY F 81 -33.10 -5.44 -22.63
N ARG F 82 -32.37 -5.03 -21.60
CA ARG F 82 -32.79 -5.14 -20.21
C ARG F 82 -33.84 -4.09 -19.93
N HIS F 83 -33.61 -2.88 -20.41
CA HIS F 83 -34.45 -1.73 -20.06
C HIS F 83 -35.73 -1.66 -20.87
N PHE F 84 -35.66 -1.98 -22.14
CA PHE F 84 -36.78 -1.73 -23.06
C PHE F 84 -37.17 -3.02 -23.80
N ASP F 95 -41.03 5.58 -29.91
CA ASP F 95 -39.92 5.94 -30.80
C ASP F 95 -38.57 6.02 -30.07
N SER F 96 -37.49 5.87 -30.84
CA SER F 96 -36.17 5.74 -30.22
C SER F 96 -35.66 7.04 -29.58
N ARG F 97 -36.23 8.19 -29.94
CA ARG F 97 -35.87 9.43 -29.27
C ARG F 97 -36.44 9.45 -27.87
N ALA F 98 -37.67 8.97 -27.72
CA ALA F 98 -38.24 8.80 -26.40
C ALA F 98 -37.41 7.83 -25.55
N LEU F 99 -36.94 6.76 -26.15
CA LEU F 99 -36.13 5.80 -25.43
C LEU F 99 -34.78 6.40 -25.05
N LEU F 100 -34.20 7.24 -25.92
CA LEU F 100 -32.95 7.95 -25.60
C LEU F 100 -33.14 8.91 -24.45
N ARG F 101 -34.26 9.63 -24.42
CA ARG F 101 -34.56 10.56 -23.32
C ARG F 101 -34.72 9.76 -22.04
N GLU F 102 -35.38 8.61 -22.11
CA GLU F 102 -35.53 7.79 -20.92
C GLU F 102 -34.19 7.24 -20.42
N CYS F 103 -33.34 6.81 -21.35
CA CYS F 103 -31.99 6.39 -21.01
C CYS F 103 -31.26 7.50 -20.29
N ALA F 104 -31.28 8.71 -20.87
CA ALA F 104 -30.64 9.84 -20.23
C ALA F 104 -31.15 10.06 -18.79
N SER F 105 -32.47 9.91 -18.61
CA SER F 105 -33.05 10.00 -17.29
C SER F 105 -32.49 8.99 -16.30
N ARG F 106 -32.35 7.75 -16.75
CA ARG F 106 -31.82 6.70 -15.89
C ARG F 106 -30.33 6.88 -15.57
N VAL F 107 -29.58 7.44 -16.53
CA VAL F 107 -28.18 7.78 -16.28
C VAL F 107 -28.08 8.86 -15.23
N ALA F 108 -28.95 9.87 -15.32
CA ALA F 108 -28.97 10.89 -14.29
C ALA F 108 -29.42 10.32 -12.95
N GLN F 109 -30.37 9.41 -12.96
CA GLN F 109 -30.86 8.79 -11.71
C GLN F 109 -29.75 8.08 -10.95
N ALA F 110 -28.79 7.54 -11.71
CA ALA F 110 -27.62 6.89 -11.14
C ALA F 110 -26.55 7.86 -10.68
N GLY F 111 -26.74 9.17 -10.92
CA GLY F 111 -25.84 10.20 -10.45
C GLY F 111 -24.83 10.64 -11.49
N PHE F 112 -25.00 10.27 -12.76
CA PHE F 112 -24.05 10.68 -13.77
C PHE F 112 -24.52 11.82 -14.64
N ALA F 113 -23.55 12.67 -15.02
CA ALA F 113 -23.70 13.69 -16.05
C ALA F 113 -22.98 13.25 -17.33
N ILE F 114 -23.61 13.46 -18.47
CA ILE F 114 -23.02 13.09 -19.76
C ILE F 114 -22.05 14.17 -20.20
N ARG F 115 -20.81 13.79 -20.56
CA ARG F 115 -19.84 14.76 -21.03
C ARG F 115 -19.74 14.86 -22.54
N ASN F 116 -19.71 13.73 -23.23
CA ASN F 116 -19.76 13.71 -24.68
C ASN F 116 -20.17 12.38 -25.23
N VAL F 117 -20.61 12.43 -26.49
CA VAL F 117 -20.94 11.24 -27.27
CA VAL F 117 -20.90 11.21 -27.25
C VAL F 117 -20.26 11.34 -28.64
N ASP F 118 -19.68 10.24 -29.11
CA ASP F 118 -19.17 10.17 -30.47
C ASP F 118 -19.73 8.90 -31.09
N SER F 119 -19.90 8.85 -32.40
CA SER F 119 -20.57 7.71 -33.03
C SER F 119 -20.19 7.63 -34.50
N THR F 120 -20.45 6.48 -35.09
CA THR F 120 -20.20 6.18 -36.51
C THR F 120 -21.39 5.38 -37.00
N ILE F 121 -21.87 5.73 -38.16
CA ILE F 121 -22.84 4.95 -38.89
C ILE F 121 -22.13 4.36 -40.09
N ILE F 122 -22.31 3.06 -40.34
CA ILE F 122 -21.74 2.38 -41.52
C ILE F 122 -22.89 1.90 -42.40
N ALA F 123 -22.99 2.51 -43.57
CA ALA F 123 -24.05 2.19 -44.53
C ALA F 123 -23.49 2.35 -45.93
N GLN F 124 -23.76 1.41 -46.82
CA GLN F 124 -23.32 1.58 -48.20
C GLN F 124 -24.18 2.61 -48.95
N ALA F 125 -25.44 2.73 -48.55
CA ALA F 125 -26.39 3.68 -49.12
C ALA F 125 -27.56 3.83 -48.15
N PRO F 126 -28.29 4.93 -48.23
CA PRO F 126 -28.06 6.09 -49.07
C PRO F 126 -26.96 6.98 -48.49
N LYS F 127 -26.73 8.12 -49.12
CA LYS F 127 -25.78 9.08 -48.61
C LYS F 127 -26.35 9.68 -47.34
N LEU F 128 -25.51 9.73 -46.31
CA LEU F 128 -25.93 10.22 -45.01
C LEU F 128 -25.40 11.61 -44.68
N ALA F 129 -24.33 12.05 -45.36
CA ALA F 129 -23.69 13.35 -45.08
C ALA F 129 -24.67 14.51 -44.92
N PRO F 130 -25.68 14.61 -45.83
CA PRO F 130 -26.63 15.72 -45.74
C PRO F 130 -27.51 15.74 -44.49
N HIS F 131 -27.57 14.59 -43.81
CA HIS F 131 -28.47 14.40 -42.69
C HIS F 131 -27.77 14.42 -41.33
N ILE F 132 -26.44 14.42 -41.32
CA ILE F 132 -25.69 14.34 -40.08
C ILE F 132 -25.93 15.48 -39.10
N ASP F 133 -26.02 16.69 -39.58
CA ASP F 133 -26.23 17.80 -38.66
C ASP F 133 -27.55 17.75 -37.97
N ALA F 134 -28.55 17.31 -38.68
CA ALA F 134 -29.87 17.17 -38.07
C ALA F 134 -29.86 16.07 -37.01
N MET F 135 -29.14 14.99 -37.26
CA MET F 135 -29.01 13.92 -36.27
C MET F 135 -28.32 14.44 -35.01
N ARG F 136 -27.25 15.18 -35.19
CA ARG F 136 -26.54 15.78 -34.08
C ARG F 136 -27.42 16.66 -33.24
N ALA F 137 -28.21 17.49 -33.89
CA ALA F 137 -29.16 18.37 -33.20
C ALA F 137 -30.20 17.59 -32.38
N ASN F 138 -30.72 16.54 -32.97
CA ASN F 138 -31.70 15.71 -32.29
C ASN F 138 -31.11 15.06 -31.04
N ILE F 139 -29.92 14.50 -31.19
CA ILE F 139 -29.25 13.88 -30.07
C ILE F 139 -28.91 14.85 -28.96
N ALA F 140 -28.36 16.00 -29.32
CA ALA F 140 -28.05 17.02 -28.34
C ALA F 140 -29.30 17.46 -27.55
N ALA F 141 -30.40 17.66 -28.27
CA ALA F 141 -31.66 18.05 -27.61
C ALA F 141 -32.15 16.98 -26.62
N ASP F 142 -32.09 15.74 -27.03
CA ASP F 142 -32.56 14.65 -26.20
C ASP F 142 -31.68 14.40 -24.99
N LEU F 143 -30.38 14.63 -25.13
CA LEU F 143 -29.44 14.46 -24.05
C LEU F 143 -29.17 15.74 -23.25
N ASP F 144 -29.84 16.82 -23.62
CA ASP F 144 -29.61 18.11 -22.98
C ASP F 144 -28.12 18.48 -23.00
N LEU F 145 -27.49 18.41 -24.17
CA LEU F 145 -26.08 18.74 -24.39
C LEU F 145 -25.96 19.84 -25.44
N PRO F 146 -24.91 20.69 -25.35
CA PRO F 146 -24.62 21.51 -26.49
C PRO F 146 -24.16 20.67 -27.67
N LEU F 147 -24.33 21.23 -28.86
CA LEU F 147 -23.93 20.58 -30.07
C LEU F 147 -22.48 20.14 -30.10
N ASP F 148 -21.61 20.93 -29.53
CA ASP F 148 -20.21 20.64 -29.53
C ASP F 148 -19.76 19.48 -28.64
N ARG F 149 -20.69 18.82 -28.01
CA ARG F 149 -20.41 17.61 -27.25
C ARG F 149 -20.98 16.36 -27.89
N VAL F 150 -21.46 16.48 -29.11
CA VAL F 150 -22.07 15.37 -29.85
C VAL F 150 -21.46 15.29 -31.24
N ASN F 151 -21.00 14.11 -31.62
CA ASN F 151 -20.43 13.92 -32.95
C ASN F 151 -21.02 12.64 -33.58
N VAL F 152 -21.31 12.72 -34.88
CA VAL F 152 -21.79 11.62 -35.70
C VAL F 152 -20.97 11.56 -36.98
N LYS F 153 -20.42 10.41 -37.28
CA LYS F 153 -19.58 10.18 -38.44
C LYS F 153 -20.28 9.17 -39.33
N ALA F 154 -20.02 9.25 -40.61
CA ALA F 154 -20.63 8.36 -41.58
C ALA F 154 -19.54 7.70 -42.44
N LYS F 155 -19.66 6.40 -42.66
CA LYS F 155 -18.67 5.55 -43.37
C LYS F 155 -19.41 4.60 -44.27
N THR F 156 -18.76 4.13 -45.33
CA THR F 156 -19.20 2.93 -46.01
C THR F 156 -18.31 1.78 -45.57
N ASN F 157 -18.62 0.60 -46.05
CA ASN F 157 -17.87 -0.58 -45.75
C ASN F 157 -17.04 -1.10 -46.91
N GLU F 158 -16.78 -0.22 -47.86
CA GLU F 158 -15.92 -0.54 -48.99
C GLU F 158 -16.36 -1.81 -49.70
N LYS F 159 -17.67 -1.99 -49.79
CA LYS F 159 -18.27 -3.12 -50.50
C LYS F 159 -17.97 -4.45 -49.94
N LEU F 160 -17.60 -4.51 -48.66
CA LEU F 160 -17.30 -5.79 -47.99
C LEU F 160 -18.46 -6.24 -47.08
N GLY F 161 -18.79 -7.53 -47.16
CA GLY F 161 -19.72 -8.16 -46.25
C GLY F 161 -21.16 -7.70 -46.45
N TYR F 162 -22.00 -8.02 -45.48
CA TYR F 162 -23.40 -7.69 -45.53
C TYR F 162 -23.61 -6.19 -45.57
N LEU F 163 -22.73 -5.43 -44.88
CA LEU F 163 -22.87 -3.99 -44.91
C LEU F 163 -22.56 -3.48 -46.33
N GLY F 164 -21.53 -4.05 -46.92
CA GLY F 164 -21.10 -3.64 -48.25
C GLY F 164 -22.11 -4.00 -49.34
N ARG F 165 -22.90 -5.06 -49.11
CA ARG F 165 -23.97 -5.48 -50.02
C ARG F 165 -25.27 -4.75 -49.75
N GLY F 166 -25.32 -3.84 -48.77
CA GLY F 166 -26.50 -3.03 -48.45
C GLY F 166 -27.59 -3.82 -47.76
N GLU F 167 -27.24 -4.85 -47.02
CA GLU F 167 -28.22 -5.65 -46.31
C GLU F 167 -28.55 -5.14 -44.93
N GLY F 168 -27.74 -4.25 -44.38
CA GLY F 168 -28.01 -3.69 -43.06
C GLY F 168 -27.21 -2.44 -42.89
N ILE F 169 -27.45 -1.79 -41.76
CA ILE F 169 -26.73 -0.62 -41.32
C ILE F 169 -26.30 -0.84 -39.89
N GLU F 170 -25.04 -0.54 -39.64
CA GLU F 170 -24.43 -0.65 -38.30
C GLU F 170 -24.19 0.73 -37.70
N ALA F 171 -24.28 0.84 -36.38
CA ALA F 171 -23.76 2.02 -35.71
C ALA F 171 -22.90 1.60 -34.51
N GLN F 172 -21.92 2.46 -34.24
CA GLN F 172 -21.03 2.34 -33.11
C GLN F 172 -21.10 3.63 -32.34
N ALA F 173 -20.95 3.58 -31.02
CA ALA F 173 -20.92 4.80 -30.22
C ALA F 173 -19.99 4.65 -29.04
N ALA F 174 -19.50 5.79 -28.58
CA ALA F 174 -18.73 5.92 -27.37
C ALA F 174 -19.30 7.08 -26.54
N ALA F 175 -19.32 6.93 -25.25
CA ALA F 175 -19.85 7.94 -24.34
C ALA F 175 -18.96 8.07 -23.14
N LEU F 176 -18.77 9.31 -22.72
CA LEU F 176 -18.09 9.66 -21.50
C LEU F 176 -19.09 10.33 -20.53
N VAL F 177 -19.11 9.85 -19.31
CA VAL F 177 -19.96 10.41 -18.26
C VAL F 177 -19.11 10.62 -17.03
N VAL F 178 -19.67 11.34 -16.06
CA VAL F 178 -18.98 11.62 -14.82
C VAL F 178 -19.97 11.71 -13.66
N ARG F 179 -19.57 11.17 -12.52
CA ARG F 179 -20.29 11.51 -11.29
C ARG F 179 -19.44 12.34 -10.32
ZN ZN G . 21.43 -14.02 32.55
ZN ZN H . 21.07 6.19 16.35
ZN ZN I . -0.50 -1.12 28.47
ZN ZN J . -9.58 -14.76 -27.71
ZN ZN K . -9.60 4.34 -45.00
ZN ZN L . -31.34 -1.50 -32.40
#